data_6GFV
#
_entry.id   6GFV
#
_cell.length_a   121.821
_cell.length_b   89.579
_cell.length_c   87.107
_cell.angle_alpha   90.000
_cell.angle_beta   125.540
_cell.angle_gamma   90.000
#
_symmetry.space_group_name_H-M   'C 1 2 1'
#
loop_
_entity.id
_entity.type
_entity.pdbx_description
1 polymer 'Probable conserved lipoprotein LpqI'
2 water water
#
_entity_poly.entity_id   1
_entity_poly.type   'polypeptide(L)'
_entity_poly.pdbx_seq_one_letter_code
;PVPRSCAEPAGIPALLSPRDKLAQLLVVGVRDAADAQAVVTNYHVGGILIGSDTDLTIFDGALAEIVAGGGPLPLAVSVD
EEGGRVSRLRSLIGGTGPSARELAQTRTVQQVRDLARDRGRQMRKLGITIDFAPVVDVTDAPDDTVIGDRSFGSDPATVT
AYAGAYAQGLRDAGVLPVLKHFPGHGRGSGDSHNGGVTTPPLDDLVGDDLVPYRTLVTQAPVGVMVGHLQVPGLTGSEPA
SLSKAAVNLLRTGTGYGAPPFDGPVFSDDLSGMAAISDRFGVSEAVLRTLQAGADIALWVTTKEVPAVLDRLEQALRAGE
LPMSAVDRSVVRVATMKGPNPGC
;
_entity_poly.pdbx_strand_id   A,B
#
# COMPACT_ATOMS: atom_id res chain seq x y z
N PRO A 1 -39.46 6.13 -20.77
CA PRO A 1 -40.61 7.03 -20.72
C PRO A 1 -41.19 7.19 -19.30
N VAL A 2 -40.41 7.77 -18.40
CA VAL A 2 -40.85 7.96 -17.02
C VAL A 2 -41.33 9.39 -16.76
N PRO A 3 -42.65 9.58 -16.62
CA PRO A 3 -43.28 10.90 -16.50
C PRO A 3 -42.95 11.64 -15.19
N ARG A 4 -42.83 12.97 -15.26
CA ARG A 4 -42.57 13.77 -14.08
C ARG A 4 -43.75 13.73 -13.12
N SER A 5 -43.45 13.94 -11.84
CA SER A 5 -44.44 13.88 -10.77
C SER A 5 -44.24 14.95 -9.71
N CYS A 6 -45.33 15.28 -9.02
CA CYS A 6 -45.31 16.27 -7.95
C CYS A 6 -45.39 15.63 -6.56
N ALA A 7 -45.41 14.30 -6.49
CA ALA A 7 -45.40 13.58 -5.22
C ALA A 7 -44.23 14.00 -4.35
N GLU A 8 -44.42 13.99 -3.03
CA GLU A 8 -43.33 14.30 -2.11
C GLU A 8 -42.29 13.16 -2.11
N PRO A 9 -41.03 13.47 -1.74
CA PRO A 9 -39.95 12.47 -1.77
C PRO A 9 -40.28 11.14 -1.11
N ALA A 10 -40.87 11.15 0.09
CA ALA A 10 -41.20 9.92 0.78
C ALA A 10 -42.16 9.04 -0.02
N GLY A 11 -42.89 9.63 -0.95
CA GLY A 11 -43.88 8.90 -1.72
C GLY A 11 -43.39 8.49 -3.08
N ILE A 12 -42.26 9.05 -3.50
CA ILE A 12 -41.72 8.76 -4.83
C ILE A 12 -41.59 7.26 -5.14
N PRO A 13 -41.17 6.42 -4.17
CA PRO A 13 -41.11 4.98 -4.47
C PRO A 13 -42.41 4.35 -4.99
N ALA A 14 -43.56 4.80 -4.51
CA ALA A 14 -44.85 4.23 -4.95
C ALA A 14 -45.07 4.40 -6.44
N LEU A 15 -44.40 5.38 -7.05
CA LEU A 15 -44.55 5.67 -8.46
C LEU A 15 -43.75 4.77 -9.39
N LEU A 16 -42.74 4.08 -8.86
CA LEU A 16 -41.77 3.44 -9.75
C LEU A 16 -41.77 1.92 -9.72
N SER A 17 -41.43 1.32 -10.85
CA SER A 17 -41.16 -0.12 -10.95
C SER A 17 -39.91 -0.45 -10.16
N PRO A 18 -39.67 -1.74 -9.87
CA PRO A 18 -38.42 -2.01 -9.14
C PRO A 18 -37.17 -1.67 -9.94
N ARG A 19 -37.17 -1.95 -11.24
CA ARG A 19 -36.03 -1.66 -12.09
C ARG A 19 -35.72 -0.16 -12.11
N ASP A 20 -36.75 0.67 -12.26
CA ASP A 20 -36.55 2.12 -12.29
C ASP A 20 -36.12 2.69 -10.92
N LYS A 21 -36.55 2.07 -9.82
CA LYS A 21 -36.05 2.47 -8.50
C LYS A 21 -34.56 2.26 -8.41
N LEU A 22 -34.11 1.06 -8.78
CA LEU A 22 -32.69 0.71 -8.85
C LEU A 22 -31.94 1.70 -9.74
N ALA A 23 -32.51 2.03 -10.90
CA ALA A 23 -31.83 2.90 -11.85
C ALA A 23 -31.60 4.31 -11.26
N GLN A 24 -32.51 4.76 -10.40
CA GLN A 24 -32.34 6.05 -9.72
C GLN A 24 -31.07 6.13 -8.88
N LEU A 25 -30.49 4.98 -8.53
CA LEU A 25 -29.36 4.97 -7.61
C LEU A 25 -28.02 4.92 -8.33
N LEU A 26 -28.05 5.05 -9.66
CA LEU A 26 -26.84 4.94 -10.47
C LEU A 26 -26.46 6.27 -11.11
N VAL A 27 -25.18 6.63 -11.03
CA VAL A 27 -24.64 7.81 -11.70
C VAL A 27 -23.43 7.43 -12.57
N VAL A 28 -23.52 7.66 -13.88
CA VAL A 28 -22.49 7.17 -14.79
C VAL A 28 -21.82 8.21 -15.67
N GLY A 29 -20.52 8.05 -15.85
CA GLY A 29 -19.75 8.90 -16.75
C GLY A 29 -20.17 8.67 -18.20
N VAL A 30 -20.12 9.74 -19.00
CA VAL A 30 -20.57 9.68 -20.40
C VAL A 30 -19.54 10.22 -21.39
N ARG A 31 -19.55 9.67 -22.60
CA ARG A 31 -18.59 10.06 -23.63
C ARG A 31 -18.92 11.39 -24.29
N ASP A 32 -20.18 11.57 -24.63
CA ASP A 32 -20.63 12.75 -25.35
C ASP A 32 -22.15 12.86 -25.28
N ALA A 33 -22.71 13.76 -26.08
CA ALA A 33 -24.14 14.01 -26.11
C ALA A 33 -24.94 12.74 -26.43
N ALA A 34 -24.53 12.01 -27.45
CA ALA A 34 -25.24 10.81 -27.88
C ALA A 34 -25.25 9.72 -26.80
N ASP A 35 -24.09 9.49 -26.20
CA ASP A 35 -23.93 8.48 -25.16
C ASP A 35 -24.85 8.81 -23.96
N ALA A 36 -24.84 10.07 -23.55
CA ALA A 36 -25.68 10.50 -22.44
C ALA A 36 -27.18 10.37 -22.79
N GLN A 37 -27.57 10.84 -23.97
CA GLN A 37 -28.98 10.75 -24.38
C GLN A 37 -29.47 9.31 -24.44
N ALA A 38 -28.62 8.39 -24.90
CA ALA A 38 -29.03 7.00 -25.01
C ALA A 38 -29.20 6.33 -23.64
N VAL A 39 -28.26 6.57 -22.72
CA VAL A 39 -28.33 5.89 -21.44
C VAL A 39 -29.55 6.37 -20.63
N VAL A 40 -29.87 7.67 -20.70
CA VAL A 40 -31.06 8.22 -20.05
C VAL A 40 -32.37 7.70 -20.67
N THR A 41 -32.46 7.70 -22.00
CA THR A 41 -33.68 7.28 -22.67
C THR A 41 -33.96 5.78 -22.46
N ASN A 42 -32.91 4.96 -22.52
CA ASN A 42 -33.09 3.52 -22.51
C ASN A 42 -33.08 2.85 -21.12
N TYR A 43 -32.42 3.48 -20.15
CA TYR A 43 -32.24 2.85 -18.84
C TYR A 43 -32.64 3.72 -17.67
N HIS A 44 -32.94 4.99 -17.93
CA HIS A 44 -33.50 5.92 -16.94
C HIS A 44 -32.62 6.13 -15.70
N VAL A 45 -31.33 6.24 -15.90
CA VAL A 45 -30.39 6.39 -14.79
C VAL A 45 -30.65 7.69 -14.04
N GLY A 46 -30.37 7.64 -12.74
CA GLY A 46 -30.59 8.78 -11.87
C GLY A 46 -29.73 9.98 -12.17
N GLY A 47 -28.58 9.76 -12.78
CA GLY A 47 -27.68 10.85 -13.07
C GLY A 47 -26.53 10.50 -14.02
N ILE A 48 -25.83 11.54 -14.47
CA ILE A 48 -24.62 11.33 -15.25
C ILE A 48 -23.44 12.06 -14.64
N LEU A 49 -22.24 11.64 -15.03
CA LEU A 49 -21.00 12.26 -14.64
C LEU A 49 -20.33 12.93 -15.85
N ILE A 50 -19.98 14.20 -15.72
CA ILE A 50 -19.11 14.87 -16.67
C ILE A 50 -17.67 14.49 -16.28
N GLY A 51 -17.18 13.41 -16.86
CA GLY A 51 -15.89 12.84 -16.45
C GLY A 51 -14.74 13.32 -17.31
N SER A 52 -13.56 12.78 -17.06
CA SER A 52 -12.33 13.22 -17.74
C SER A 52 -12.37 13.10 -19.25
N ASP A 53 -13.10 12.13 -19.77
CA ASP A 53 -13.15 11.94 -21.22
C ASP A 53 -14.46 12.44 -21.85
N THR A 54 -15.25 13.19 -21.09
CA THR A 54 -16.51 13.72 -21.60
C THR A 54 -16.27 14.88 -22.59
N ASP A 55 -16.94 14.82 -23.73
CA ASP A 55 -16.92 15.91 -24.71
C ASP A 55 -17.76 17.07 -24.18
N LEU A 56 -17.11 18.17 -23.87
CA LEU A 56 -17.76 19.32 -23.28
C LEU A 56 -18.76 20.07 -24.20
N THR A 57 -18.84 19.73 -25.48
CA THR A 57 -19.87 20.34 -26.33
C THR A 57 -21.24 19.87 -25.93
N ILE A 58 -21.31 18.89 -25.04
CA ILE A 58 -22.59 18.46 -24.47
C ILE A 58 -23.33 19.64 -23.84
N PHE A 59 -22.60 20.66 -23.40
CA PHE A 59 -23.23 21.82 -22.75
C PHE A 59 -23.87 22.80 -23.75
N ASP A 60 -23.63 22.59 -25.04
CA ASP A 60 -24.04 23.57 -26.05
C ASP A 60 -25.49 23.42 -26.55
N GLY A 61 -26.34 22.77 -25.78
CA GLY A 61 -27.73 22.65 -26.17
C GLY A 61 -28.25 21.25 -25.98
N ALA A 62 -27.36 20.27 -26.09
CA ALA A 62 -27.74 18.87 -25.92
C ALA A 62 -28.28 18.59 -24.51
N LEU A 63 -27.62 19.15 -23.51
CA LEU A 63 -27.89 18.76 -22.13
C LEU A 63 -29.32 19.11 -21.70
N ALA A 64 -29.78 20.31 -22.03
CA ALA A 64 -31.11 20.75 -21.61
C ALA A 64 -32.23 19.83 -22.11
N GLU A 65 -32.11 19.32 -23.32
CA GLU A 65 -33.10 18.36 -23.81
C GLU A 65 -33.03 17.04 -23.06
N ILE A 66 -31.81 16.60 -22.78
CA ILE A 66 -31.59 15.32 -22.12
C ILE A 66 -32.16 15.38 -20.72
N VAL A 67 -31.91 16.49 -20.03
CA VAL A 67 -32.50 16.71 -18.73
C VAL A 67 -34.02 16.83 -18.83
N ALA A 68 -34.51 17.56 -19.83
CA ALA A 68 -35.95 17.78 -19.96
C ALA A 68 -36.72 16.46 -20.14
N GLY A 69 -36.10 15.48 -20.77
CA GLY A 69 -36.77 14.22 -21.05
C GLY A 69 -36.79 13.18 -19.95
N GLY A 70 -36.02 13.39 -18.88
CA GLY A 70 -35.93 12.40 -17.82
C GLY A 70 -36.98 12.55 -16.72
N GLY A 71 -37.22 11.49 -15.96
CA GLY A 71 -38.19 11.53 -14.88
C GLY A 71 -37.91 10.54 -13.76
N PRO A 72 -38.70 10.61 -12.67
CA PRO A 72 -39.82 11.52 -12.47
C PRO A 72 -39.39 12.81 -11.80
N LEU A 73 -38.09 12.94 -11.60
CA LEU A 73 -37.50 14.15 -11.02
C LEU A 73 -36.34 14.56 -11.91
N PRO A 74 -35.80 15.76 -11.69
CA PRO A 74 -34.74 16.23 -12.58
C PRO A 74 -33.48 15.35 -12.54
N LEU A 75 -32.94 15.06 -13.71
CA LEU A 75 -31.68 14.34 -13.84
C LEU A 75 -30.57 14.99 -13.02
N ALA A 76 -29.78 14.20 -12.28
CA ALA A 76 -28.60 14.74 -11.59
C ALA A 76 -27.42 14.88 -12.57
N VAL A 77 -26.69 15.99 -12.50
CA VAL A 77 -25.50 16.18 -13.33
C VAL A 77 -24.27 16.54 -12.49
N SER A 78 -23.29 15.64 -12.45
CA SER A 78 -22.16 15.79 -11.54
C SER A 78 -20.81 15.94 -12.25
N VAL A 79 -19.81 16.44 -11.52
CA VAL A 79 -18.49 16.76 -12.07
C VAL A 79 -17.45 16.85 -10.95
N ASP A 80 -16.19 16.59 -11.28
CA ASP A 80 -15.06 16.84 -10.38
C ASP A 80 -14.50 18.25 -10.51
N GLU A 81 -14.93 19.17 -9.67
CA GLU A 81 -14.43 20.54 -9.77
C GLU A 81 -13.90 21.06 -8.44
N GLU A 82 -12.63 20.76 -8.17
CA GLU A 82 -11.97 21.16 -6.93
C GLU A 82 -11.17 22.44 -7.15
N GLY A 83 -10.74 22.66 -8.39
CA GLY A 83 -9.74 23.67 -8.69
C GLY A 83 -8.32 23.10 -8.70
N GLY A 84 -7.38 23.89 -9.23
CA GLY A 84 -5.98 23.48 -9.32
C GLY A 84 -5.79 22.27 -10.23
N ARG A 85 -5.33 21.16 -9.67
CA ARG A 85 -5.02 19.98 -10.49
C ARG A 85 -6.26 19.18 -10.90
N VAL A 86 -7.38 19.39 -10.20
CA VAL A 86 -8.61 18.67 -10.55
C VAL A 86 -9.72 19.66 -10.92
N SER A 87 -9.72 20.10 -12.17
CA SER A 87 -10.69 21.10 -12.57
C SER A 87 -11.20 20.84 -13.98
N ARG A 88 -12.16 19.92 -14.09
CA ARG A 88 -12.71 19.49 -15.39
C ARG A 88 -13.21 20.63 -16.27
N LEU A 89 -13.80 21.65 -15.66
CA LEU A 89 -14.45 22.72 -16.41
C LEU A 89 -13.61 23.98 -16.52
N ARG A 90 -12.31 23.84 -16.33
CA ARG A 90 -11.40 24.99 -16.39
C ARG A 90 -11.57 25.83 -17.67
N SER A 91 -11.88 25.17 -18.78
CA SER A 91 -12.00 25.88 -20.05
C SER A 91 -13.23 26.77 -20.10
N LEU A 92 -14.16 26.54 -19.18
CA LEU A 92 -15.47 27.19 -19.24
C LEU A 92 -15.80 28.13 -18.11
N ILE A 93 -15.21 27.93 -16.93
CA ILE A 93 -15.59 28.74 -15.78
C ILE A 93 -14.43 29.56 -15.21
N GLY A 94 -13.49 29.92 -16.08
CA GLY A 94 -12.45 30.87 -15.73
C GLY A 94 -11.12 30.28 -15.32
N GLY A 95 -10.83 29.06 -15.77
CA GLY A 95 -9.55 28.44 -15.47
C GLY A 95 -9.52 27.52 -14.24
N THR A 96 -8.35 26.93 -13.98
CA THR A 96 -8.19 26.04 -12.84
C THR A 96 -8.31 26.80 -11.53
N GLY A 97 -7.82 28.03 -11.53
CA GLY A 97 -7.58 28.74 -10.29
C GLY A 97 -6.50 28.05 -9.47
N PRO A 98 -6.22 28.56 -8.27
CA PRO A 98 -5.27 27.90 -7.37
C PRO A 98 -5.77 26.57 -6.80
N SER A 99 -4.82 25.74 -6.35
CA SER A 99 -5.15 24.52 -5.63
C SER A 99 -5.79 24.85 -4.29
N ALA A 100 -6.37 23.83 -3.66
CA ALA A 100 -6.88 23.98 -2.31
C ALA A 100 -5.81 24.45 -1.32
N ARG A 101 -4.64 23.83 -1.40
CA ARG A 101 -3.52 24.14 -0.51
C ARG A 101 -3.06 25.57 -0.72
N GLU A 102 -3.00 25.99 -1.98
CA GLU A 102 -2.63 27.36 -2.28
C GLU A 102 -3.67 28.39 -1.78
N LEU A 103 -4.95 28.09 -1.95
CA LEU A 103 -6.03 28.92 -1.44
C LEU A 103 -5.91 29.22 0.06
N ALA A 104 -5.77 28.17 0.86
CA ALA A 104 -5.73 28.31 2.30
C ALA A 104 -4.53 29.12 2.74
N GLN A 105 -3.53 29.22 1.87
CA GLN A 105 -2.30 29.96 2.19
C GLN A 105 -2.27 31.40 1.72
N THR A 106 -3.11 31.74 0.76
CA THR A 106 -3.01 33.02 0.09
C THR A 106 -4.30 33.86 0.11
N ARG A 107 -5.42 33.28 0.54
CA ARG A 107 -6.70 34.01 0.64
C ARG A 107 -7.41 33.74 1.98
N THR A 108 -8.24 34.69 2.43
CA THR A 108 -9.02 34.51 3.65
C THR A 108 -10.11 33.46 3.45
N VAL A 109 -10.77 33.10 4.54
CA VAL A 109 -11.85 32.13 4.51
C VAL A 109 -13.04 32.69 3.74
N GLN A 110 -13.33 33.96 3.95
CA GLN A 110 -14.40 34.63 3.24
C GLN A 110 -14.12 34.76 1.74
N GLN A 111 -12.86 35.05 1.38
CA GLN A 111 -12.46 35.10 -0.04
C GLN A 111 -12.61 33.74 -0.70
N VAL A 112 -12.41 32.68 0.09
CA VAL A 112 -12.57 31.35 -0.45
C VAL A 112 -14.05 31.06 -0.69
N ARG A 113 -14.90 31.52 0.22
CA ARG A 113 -16.34 31.43 0.03
C ARG A 113 -16.78 32.20 -1.22
N ASP A 114 -16.22 33.40 -1.41
CA ASP A 114 -16.44 34.20 -2.63
C ASP A 114 -16.14 33.40 -3.89
N LEU A 115 -14.97 32.78 -3.94
CA LEU A 115 -14.53 32.09 -5.15
C LEU A 115 -15.40 30.88 -5.42
N ALA A 116 -15.72 30.13 -4.38
CA ALA A 116 -16.56 28.95 -4.56
C ALA A 116 -17.95 29.33 -5.08
N ARG A 117 -18.48 30.43 -4.59
CA ARG A 117 -19.82 30.88 -4.99
C ARG A 117 -19.83 31.31 -6.46
N ASP A 118 -18.81 32.05 -6.89
CA ASP A 118 -18.73 32.46 -8.28
C ASP A 118 -18.61 31.28 -9.25
N ARG A 119 -17.63 30.41 -9.00
CA ARG A 119 -17.45 29.19 -9.78
C ARG A 119 -18.71 28.32 -9.76
N GLY A 120 -19.38 28.25 -8.61
CA GLY A 120 -20.61 27.47 -8.48
C GLY A 120 -21.74 28.06 -9.31
N ARG A 121 -21.80 29.38 -9.36
CA ARG A 121 -22.78 30.11 -10.14
C ARG A 121 -22.65 29.79 -11.64
N GLN A 122 -21.41 29.80 -12.14
CA GLN A 122 -21.12 29.48 -13.53
C GLN A 122 -21.42 28.01 -13.85
N MET A 123 -21.15 27.12 -12.90
CA MET A 123 -21.48 25.71 -13.03
C MET A 123 -22.99 25.47 -13.08
N ARG A 124 -23.76 26.20 -12.29
CA ARG A 124 -25.21 26.02 -12.30
C ARG A 124 -25.86 26.51 -13.62
N LYS A 125 -25.32 27.58 -14.21
CA LYS A 125 -25.80 28.03 -15.51
C LYS A 125 -25.57 26.99 -16.62
N LEU A 126 -24.48 26.24 -16.53
CA LEU A 126 -24.19 25.20 -17.51
C LEU A 126 -25.10 24.00 -17.37
N GLY A 127 -25.64 23.78 -16.17
CA GLY A 127 -26.49 22.62 -15.93
C GLY A 127 -26.01 21.66 -14.83
N ILE A 128 -24.88 21.99 -14.21
CA ILE A 128 -24.32 21.20 -13.10
C ILE A 128 -25.24 21.27 -11.89
N THR A 129 -25.55 20.12 -11.29
CA THR A 129 -26.29 20.10 -10.02
C THR A 129 -25.45 19.63 -8.82
N ILE A 130 -24.37 18.89 -9.09
CA ILE A 130 -23.53 18.26 -8.05
C ILE A 130 -22.06 18.43 -8.37
N ASP A 131 -21.29 18.89 -7.39
CA ASP A 131 -19.82 19.00 -7.50
C ASP A 131 -19.18 18.13 -6.42
N PHE A 132 -18.33 17.19 -6.84
CA PHE A 132 -17.61 16.36 -5.90
C PHE A 132 -16.45 17.14 -5.30
N ALA A 133 -16.81 18.04 -4.38
CA ALA A 133 -15.90 18.91 -3.65
C ALA A 133 -16.70 19.55 -2.51
N PRO A 134 -16.06 19.93 -1.40
CA PRO A 134 -14.61 20.00 -1.15
C PRO A 134 -13.97 18.72 -0.60
N VAL A 135 -12.70 18.57 -0.90
CA VAL A 135 -11.84 17.64 -0.21
C VAL A 135 -11.69 18.07 1.25
N VAL A 136 -11.93 17.16 2.18
CA VAL A 136 -11.69 17.47 3.58
C VAL A 136 -10.55 16.59 4.15
N ASP A 137 -9.85 15.85 3.29
CA ASP A 137 -8.65 15.11 3.71
C ASP A 137 -7.59 16.02 4.36
N VAL A 138 -6.96 15.52 5.43
CA VAL A 138 -5.91 16.24 6.16
C VAL A 138 -4.55 15.62 5.84
N THR A 139 -3.60 16.41 5.31
CA THR A 139 -2.26 15.92 5.03
C THR A 139 -1.21 17.03 4.84
N ASP A 140 0.05 16.67 5.01
CA ASP A 140 1.16 17.55 4.67
C ASP A 140 2.07 16.90 3.63
N ALA A 141 1.54 15.93 2.88
CA ALA A 141 2.29 15.28 1.81
C ALA A 141 2.65 16.25 0.67
N PRO A 142 3.67 15.92 -0.14
CA PRO A 142 4.09 16.80 -1.26
C PRO A 142 2.95 17.17 -2.23
N ASP A 143 3.07 18.33 -2.87
CA ASP A 143 2.04 18.88 -3.75
C ASP A 143 1.50 17.91 -4.79
N ASP A 144 2.40 17.22 -5.48
CA ASP A 144 2.00 16.38 -6.60
C ASP A 144 1.58 14.94 -6.22
N THR A 145 1.51 14.64 -4.92
CA THR A 145 1.06 13.31 -4.50
C THR A 145 -0.46 13.19 -4.65
N VAL A 146 -0.98 11.97 -4.50
CA VAL A 146 -2.39 11.66 -4.80
C VAL A 146 -3.40 12.59 -4.14
N ILE A 147 -3.15 12.99 -2.91
CA ILE A 147 -3.95 14.06 -2.33
C ILE A 147 -3.17 15.35 -2.47
N GLY A 148 -2.04 15.44 -1.78
CA GLY A 148 -1.12 16.56 -1.94
C GLY A 148 -1.77 17.93 -1.78
N ASP A 149 -1.62 18.77 -2.79
CA ASP A 149 -2.19 20.13 -2.73
C ASP A 149 -3.71 20.16 -2.98
N ARG A 150 -4.34 19.00 -3.06
CA ARG A 150 -5.81 18.95 -3.08
C ARG A 150 -6.40 19.12 -1.66
N SER A 151 -5.54 19.13 -0.65
CA SER A 151 -5.97 19.29 0.73
C SER A 151 -5.82 20.73 1.22
N PHE A 152 -6.76 21.19 2.04
CA PHE A 152 -6.70 22.56 2.53
C PHE A 152 -5.68 22.75 3.68
N GLY A 153 -5.14 21.67 4.24
CA GLY A 153 -4.15 21.81 5.28
C GLY A 153 -3.80 20.55 6.06
N SER A 154 -2.81 20.64 6.94
CA SER A 154 -2.37 19.49 7.72
C SER A 154 -2.95 19.49 9.14
N ASP A 155 -3.75 20.50 9.43
CA ASP A 155 -4.40 20.66 10.72
C ASP A 155 -5.93 20.64 10.59
N PRO A 156 -6.62 19.80 11.38
CA PRO A 156 -8.09 19.67 11.25
C PRO A 156 -8.87 20.98 11.34
N ALA A 157 -8.52 21.86 12.28
CA ALA A 157 -9.25 23.12 12.43
C ALA A 157 -9.14 23.98 11.17
N THR A 158 -7.96 23.98 10.56
CA THR A 158 -7.73 24.71 9.32
C THR A 158 -8.60 24.16 8.20
N VAL A 159 -8.63 22.84 8.09
CA VAL A 159 -9.45 22.21 7.09
C VAL A 159 -10.94 22.49 7.33
N THR A 160 -11.38 22.45 8.59
CA THR A 160 -12.80 22.73 8.87
C THR A 160 -13.18 24.13 8.43
N ALA A 161 -12.32 25.09 8.72
CA ALA A 161 -12.59 26.48 8.36
C ALA A 161 -12.64 26.68 6.83
N TYR A 162 -11.62 26.22 6.11
CA TYR A 162 -11.56 26.44 4.66
C TYR A 162 -12.43 25.52 3.80
N ALA A 163 -12.49 24.22 4.10
CA ALA A 163 -13.40 23.35 3.34
C ALA A 163 -14.85 23.74 3.63
N GLY A 164 -15.12 24.17 4.86
CA GLY A 164 -16.43 24.65 5.26
C GLY A 164 -16.86 25.86 4.44
N ALA A 165 -15.95 26.82 4.28
CA ALA A 165 -16.21 27.98 3.43
C ALA A 165 -16.47 27.57 1.98
N TYR A 166 -15.73 26.61 1.44
CA TYR A 166 -15.91 26.20 0.05
C TYR A 166 -17.28 25.58 -0.18
N ALA A 167 -17.65 24.65 0.70
CA ALA A 167 -18.98 24.03 0.64
C ALA A 167 -20.10 25.07 0.71
N GLN A 168 -19.97 26.07 1.57
CA GLN A 168 -21.01 27.08 1.74
C GLN A 168 -21.13 27.91 0.47
N GLY A 169 -19.98 28.18 -0.18
CA GLY A 169 -19.97 28.92 -1.44
C GLY A 169 -20.79 28.23 -2.51
N LEU A 170 -20.51 26.94 -2.71
CA LEU A 170 -21.27 26.12 -3.66
C LEU A 170 -22.77 26.11 -3.30
N ARG A 171 -23.06 25.92 -2.01
CA ARG A 171 -24.41 25.93 -1.47
C ARG A 171 -25.10 27.28 -1.74
N ASP A 172 -24.37 28.39 -1.59
CA ASP A 172 -24.85 29.72 -1.96
C ASP A 172 -25.41 29.76 -3.38
N ALA A 173 -24.75 29.06 -4.29
CA ALA A 173 -25.06 29.10 -5.71
C ALA A 173 -26.08 28.03 -6.13
N GLY A 174 -26.56 27.23 -5.18
CA GLY A 174 -27.51 26.19 -5.50
C GLY A 174 -26.92 24.88 -6.05
N VAL A 175 -25.64 24.64 -5.78
CA VAL A 175 -24.95 23.40 -6.19
C VAL A 175 -24.66 22.53 -4.97
N LEU A 176 -24.90 21.22 -5.06
CA LEU A 176 -24.67 20.32 -3.92
C LEU A 176 -23.18 20.05 -3.73
N PRO A 177 -22.64 20.47 -2.58
CA PRO A 177 -21.26 20.13 -2.22
C PRO A 177 -21.16 18.69 -1.69
N VAL A 178 -20.05 18.02 -1.96
CA VAL A 178 -19.85 16.66 -1.51
C VAL A 178 -18.48 16.51 -0.86
N LEU A 179 -18.48 16.27 0.46
CA LEU A 179 -17.23 16.08 1.22
C LEU A 179 -16.58 14.73 0.87
N LYS A 180 -15.24 14.71 0.77
CA LYS A 180 -14.52 13.49 0.42
C LYS A 180 -13.10 13.47 1.02
N HIS A 181 -12.48 12.30 1.21
CA HIS A 181 -13.04 10.97 1.05
C HIS A 181 -13.19 10.26 2.42
N PHE A 182 -14.41 10.07 2.90
CA PHE A 182 -14.65 9.48 4.22
C PHE A 182 -14.09 8.05 4.35
N PRO A 183 -13.44 7.72 5.48
CA PRO A 183 -13.22 8.53 6.68
C PRO A 183 -11.84 9.15 6.76
N GLY A 184 -11.20 9.40 5.62
CA GLY A 184 -9.95 10.15 5.63
C GLY A 184 -8.87 9.51 4.78
N HIS A 185 -8.54 10.16 3.66
CA HIS A 185 -7.54 9.69 2.71
C HIS A 185 -6.17 10.31 2.90
N GLY A 186 -6.10 11.36 3.70
CA GLY A 186 -4.89 12.17 3.80
C GLY A 186 -3.61 11.46 4.19
N ARG A 187 -3.71 10.48 5.08
CA ARG A 187 -2.53 9.70 5.45
C ARG A 187 -2.61 8.24 4.98
N GLY A 188 -3.33 8.00 3.88
CA GLY A 188 -3.43 6.68 3.30
C GLY A 188 -2.09 6.10 2.88
N SER A 189 -2.02 4.77 2.75
CA SER A 189 -0.77 4.10 2.43
C SER A 189 -0.36 4.21 0.96
N GLY A 190 -1.25 4.72 0.11
CA GLY A 190 -0.94 4.89 -1.31
C GLY A 190 -2.01 5.59 -2.12
N ASP A 191 -2.14 5.20 -3.38
CA ASP A 191 -3.10 5.79 -4.31
C ASP A 191 -4.21 4.80 -4.64
N SER A 192 -5.45 5.20 -4.34
CA SER A 192 -6.61 4.34 -4.52
C SER A 192 -6.80 3.92 -5.97
N HIS A 193 -6.22 4.69 -6.88
CA HIS A 193 -6.53 4.63 -8.29
C HIS A 193 -5.76 3.50 -9.00
N ASN A 194 -4.71 3.00 -8.35
CA ASN A 194 -3.96 1.89 -8.91
C ASN A 194 -3.62 0.80 -7.87
N GLY A 195 -4.28 0.85 -6.72
CA GLY A 195 -4.07 -0.18 -5.72
C GLY A 195 -4.81 -0.01 -4.42
N GLY A 196 -4.75 -1.04 -3.57
CA GLY A 196 -5.37 -1.05 -2.26
C GLY A 196 -4.69 -0.10 -1.29
N VAL A 197 -5.51 0.65 -0.55
CA VAL A 197 -5.02 1.67 0.35
C VAL A 197 -5.57 1.48 1.78
N THR A 198 -4.68 1.58 2.77
CA THR A 198 -5.05 1.48 4.18
C THR A 198 -4.83 2.79 4.93
N THR A 199 -5.73 3.10 5.86
CA THR A 199 -5.62 4.28 6.74
C THR A 199 -4.90 3.98 8.06
N PRO A 200 -4.57 5.02 8.85
CA PRO A 200 -4.15 4.81 10.24
C PRO A 200 -5.28 4.18 11.06
N PRO A 201 -5.01 3.70 12.28
CA PRO A 201 -6.09 3.01 13.00
C PRO A 201 -7.28 3.91 13.29
N LEU A 202 -8.46 3.32 13.49
CA LEU A 202 -9.68 4.08 13.77
C LEU A 202 -9.52 5.13 14.88
N ASP A 203 -8.85 4.76 15.97
CA ASP A 203 -8.65 5.67 17.10
C ASP A 203 -7.88 6.92 16.70
N ASP A 204 -6.92 6.76 15.80
CA ASP A 204 -6.18 7.90 15.31
C ASP A 204 -7.09 8.80 14.47
N LEU A 205 -7.92 8.19 13.62
CA LEU A 205 -8.81 8.94 12.75
C LEU A 205 -9.79 9.78 13.54
N VAL A 206 -10.38 9.20 14.59
CA VAL A 206 -11.40 9.86 15.40
C VAL A 206 -10.91 11.18 16.00
N GLY A 207 -9.63 11.25 16.33
CA GLY A 207 -9.05 12.44 16.91
C GLY A 207 -8.41 13.40 15.92
N ASP A 208 -8.44 13.06 14.64
CA ASP A 208 -7.73 13.84 13.63
C ASP A 208 -8.53 13.92 12.32
N ASP A 209 -8.43 12.90 11.48
CA ASP A 209 -8.99 12.96 10.13
C ASP A 209 -10.51 13.17 10.11
N LEU A 210 -11.19 12.67 11.14
CA LEU A 210 -12.66 12.70 11.19
C LEU A 210 -13.22 13.97 11.83
N VAL A 211 -12.37 14.76 12.48
CA VAL A 211 -12.81 15.96 13.19
C VAL A 211 -13.56 17.02 12.30
N PRO A 212 -13.07 17.31 11.08
CA PRO A 212 -13.86 18.20 10.20
C PRO A 212 -15.29 17.73 9.98
N TYR A 213 -15.52 16.44 9.81
CA TYR A 213 -16.87 15.96 9.56
C TYR A 213 -17.85 16.27 10.69
N ARG A 214 -17.40 16.29 11.95
CA ARG A 214 -18.31 16.51 13.09
C ARG A 214 -19.19 17.75 12.93
N THR A 215 -18.64 18.80 12.32
CA THR A 215 -19.43 20.00 12.11
C THR A 215 -19.92 20.17 10.66
N LEU A 216 -19.20 19.64 9.68
CA LEU A 216 -19.61 19.91 8.29
C LEU A 216 -20.80 19.07 7.80
N VAL A 217 -21.04 17.91 8.43
CA VAL A 217 -22.14 17.06 7.98
C VAL A 217 -23.50 17.62 8.38
N THR A 218 -23.52 18.63 9.25
CA THR A 218 -24.76 19.21 9.73
C THR A 218 -25.23 20.42 8.94
N GLN A 219 -24.45 20.82 7.95
CA GLN A 219 -24.77 22.04 7.21
C GLN A 219 -25.41 21.70 5.86
N ALA A 220 -26.72 21.43 5.88
CA ALA A 220 -27.44 20.92 4.72
C ALA A 220 -27.80 22.02 3.70
N PRO A 221 -27.97 21.64 2.43
CA PRO A 221 -27.68 20.30 1.91
C PRO A 221 -26.17 20.02 1.71
N VAL A 222 -25.77 18.77 1.98
CA VAL A 222 -24.40 18.30 1.77
C VAL A 222 -24.44 16.78 1.56
N GLY A 223 -23.58 16.28 0.69
CA GLY A 223 -23.39 14.86 0.50
C GLY A 223 -22.05 14.40 1.09
N VAL A 224 -21.85 13.09 1.19
CA VAL A 224 -20.54 12.56 1.58
C VAL A 224 -20.12 11.42 0.64
N MET A 225 -18.89 11.50 0.12
CA MET A 225 -18.31 10.44 -0.70
C MET A 225 -17.39 9.57 0.15
N VAL A 226 -17.60 8.25 0.12
CA VAL A 226 -16.80 7.31 0.92
C VAL A 226 -15.70 6.71 0.04
N GLY A 227 -14.45 6.85 0.46
CA GLY A 227 -13.32 6.32 -0.29
C GLY A 227 -13.13 4.81 -0.23
N HIS A 228 -12.26 4.32 -1.11
CA HIS A 228 -11.91 2.92 -1.20
C HIS A 228 -10.79 2.62 -0.20
N LEU A 229 -11.11 2.77 1.08
CA LEU A 229 -10.10 2.82 2.13
C LEU A 229 -10.28 1.72 3.17
N GLN A 230 -9.25 0.90 3.35
CA GLN A 230 -9.23 -0.12 4.41
C GLN A 230 -8.85 0.54 5.73
N VAL A 231 -9.68 0.32 6.75
CA VAL A 231 -9.50 1.00 8.02
C VAL A 231 -9.37 0.03 9.19
N PRO A 232 -8.17 -0.06 9.79
CA PRO A 232 -7.93 -0.95 10.93
C PRO A 232 -8.83 -0.61 12.13
N GLY A 233 -9.57 -1.60 12.60
CA GLY A 233 -10.53 -1.41 13.67
C GLY A 233 -11.96 -1.13 13.22
N LEU A 234 -12.17 -1.00 11.90
CA LEU A 234 -13.49 -0.70 11.36
C LEU A 234 -13.93 -1.62 10.21
N THR A 235 -13.09 -1.79 9.18
CA THR A 235 -13.49 -2.47 7.96
C THR A 235 -12.67 -3.74 7.61
N GLY A 236 -11.57 -3.95 8.31
CA GLY A 236 -10.71 -5.09 8.00
C GLY A 236 -10.00 -4.88 6.68
N SER A 237 -10.09 -5.85 5.78
CA SER A 237 -9.49 -5.75 4.46
C SER A 237 -10.48 -5.30 3.38
N GLU A 238 -11.64 -4.82 3.78
CA GLU A 238 -12.63 -4.33 2.82
C GLU A 238 -12.53 -2.81 2.70
N PRO A 239 -12.62 -2.28 1.46
CA PRO A 239 -12.65 -0.82 1.33
C PRO A 239 -13.92 -0.24 1.98
N ALA A 240 -13.79 0.95 2.55
CA ALA A 240 -14.91 1.60 3.26
C ALA A 240 -16.19 1.75 2.41
N SER A 241 -16.01 2.01 1.11
CA SER A 241 -17.13 2.23 0.20
C SER A 241 -17.99 0.98 0.03
N LEU A 242 -17.41 -0.17 0.37
CA LEU A 242 -18.09 -1.44 0.26
C LEU A 242 -18.38 -2.04 1.64
N SER A 243 -18.23 -1.24 2.68
CA SER A 243 -18.29 -1.71 4.06
C SER A 243 -19.44 -1.06 4.83
N LYS A 244 -20.42 -1.88 5.20
CA LYS A 244 -21.56 -1.43 5.99
C LYS A 244 -21.16 -0.87 7.35
N ALA A 245 -20.09 -1.40 7.92
CA ALA A 245 -19.59 -0.89 9.20
C ALA A 245 -19.15 0.57 9.06
N ALA A 246 -18.44 0.89 7.98
CA ALA A 246 -18.01 2.27 7.73
C ALA A 246 -19.20 3.21 7.46
N VAL A 247 -20.12 2.83 6.59
CA VAL A 247 -21.28 3.69 6.33
C VAL A 247 -22.12 3.83 7.62
N ASN A 248 -22.31 2.74 8.37
CA ASN A 248 -23.06 2.84 9.65
C ASN A 248 -22.44 3.83 10.64
N LEU A 249 -21.11 3.92 10.71
CA LEU A 249 -20.46 4.95 11.55
C LEU A 249 -20.86 6.36 11.14
N LEU A 250 -20.87 6.60 9.83
CA LEU A 250 -21.29 7.87 9.27
C LEU A 250 -22.76 8.15 9.62
N ARG A 251 -23.61 7.15 9.45
CA ARG A 251 -25.04 7.29 9.76
C ARG A 251 -25.30 7.62 11.25
N THR A 252 -24.59 6.97 12.17
CA THR A 252 -24.86 7.15 13.61
C THR A 252 -24.11 8.32 14.23
N GLY A 253 -22.87 8.57 13.78
CA GLY A 253 -22.09 9.70 14.24
C GLY A 253 -21.43 9.57 15.61
N THR A 254 -22.19 9.03 16.58
CA THR A 254 -21.75 8.91 17.97
C THR A 254 -20.30 8.47 18.13
N GLY A 255 -19.90 7.44 17.40
CA GLY A 255 -18.56 6.87 17.53
C GLY A 255 -17.39 7.78 17.19
N TYR A 256 -17.60 8.86 16.46
CA TYR A 256 -16.50 9.80 16.24
C TYR A 256 -16.86 11.23 16.68
N GLY A 257 -17.87 11.35 17.55
CA GLY A 257 -18.28 12.62 18.12
C GLY A 257 -19.15 13.53 17.26
N ALA A 258 -19.94 12.94 16.37
CA ALA A 258 -20.78 13.68 15.45
C ALA A 258 -22.25 13.34 15.61
N PRO A 259 -23.14 14.28 15.24
CA PRO A 259 -24.57 13.94 15.14
C PRO A 259 -24.78 12.96 14.00
N PRO A 260 -25.97 12.34 13.90
CA PRO A 260 -26.18 11.36 12.82
C PRO A 260 -26.26 12.03 11.45
N PHE A 261 -25.99 11.30 10.36
CA PHE A 261 -26.09 11.86 9.00
C PHE A 261 -27.09 11.09 8.15
N ASP A 262 -28.12 11.79 7.67
CA ASP A 262 -29.17 11.19 6.87
C ASP A 262 -29.22 11.74 5.43
N GLY A 263 -28.19 12.47 5.03
CA GLY A 263 -28.06 12.97 3.67
C GLY A 263 -27.59 11.90 2.69
N PRO A 264 -27.37 12.29 1.41
CA PRO A 264 -26.95 11.34 0.36
C PRO A 264 -25.47 10.91 0.49
N VAL A 265 -25.25 9.61 0.40
CA VAL A 265 -23.91 9.00 0.47
C VAL A 265 -23.49 8.40 -0.88
N PHE A 266 -22.32 8.80 -1.37
CA PHE A 266 -21.80 8.37 -2.68
C PHE A 266 -20.60 7.42 -2.54
N SER A 267 -20.55 6.36 -3.32
CA SER A 267 -19.28 5.64 -3.49
C SER A 267 -18.32 6.49 -4.32
N ASP A 268 -17.02 6.27 -4.13
CA ASP A 268 -16.01 6.74 -5.09
C ASP A 268 -16.14 5.89 -6.36
N ASP A 269 -15.45 6.28 -7.42
CA ASP A 269 -15.54 5.63 -8.74
C ASP A 269 -15.22 4.14 -8.71
N LEU A 270 -16.21 3.32 -9.04
CA LEU A 270 -16.15 1.86 -8.91
C LEU A 270 -15.50 1.13 -10.08
N SER A 271 -15.36 1.80 -11.22
CA SER A 271 -14.93 1.09 -12.40
C SER A 271 -13.49 1.44 -12.71
N GLY A 272 -13.19 2.73 -12.74
CA GLY A 272 -11.88 3.20 -13.14
C GLY A 272 -10.80 3.11 -12.07
N MET A 273 -11.11 2.58 -10.90
CA MET A 273 -10.10 2.57 -9.84
C MET A 273 -9.72 1.16 -9.43
N ALA A 274 -8.42 0.87 -9.51
CA ALA A 274 -7.90 -0.47 -9.29
C ALA A 274 -8.15 -1.00 -7.88
N ALA A 275 -8.33 -0.11 -6.91
CA ALA A 275 -8.59 -0.56 -5.54
C ALA A 275 -9.86 -1.39 -5.48
N ILE A 276 -10.76 -1.14 -6.42
CA ILE A 276 -11.99 -1.91 -6.55
C ILE A 276 -11.88 -2.92 -7.68
N SER A 277 -11.41 -2.48 -8.84
CA SER A 277 -11.46 -3.31 -10.04
C SER A 277 -10.43 -4.45 -10.03
N ASP A 278 -9.46 -4.40 -9.12
CA ASP A 278 -8.55 -5.53 -8.94
C ASP A 278 -9.27 -6.72 -8.32
N ARG A 279 -10.35 -6.46 -7.59
CA ARG A 279 -11.01 -7.51 -6.84
C ARG A 279 -12.46 -7.74 -7.27
N PHE A 280 -13.11 -6.72 -7.83
CA PHE A 280 -14.52 -6.84 -8.22
C PHE A 280 -14.83 -6.34 -9.64
N GLY A 281 -15.69 -7.05 -10.36
CA GLY A 281 -16.26 -6.55 -11.60
C GLY A 281 -17.33 -5.52 -11.29
N VAL A 282 -17.76 -4.74 -12.27
CA VAL A 282 -18.60 -3.57 -11.97
C VAL A 282 -19.95 -3.92 -11.33
N SER A 283 -20.69 -4.87 -11.89
CA SER A 283 -22.00 -5.16 -11.31
C SER A 283 -21.94 -5.74 -9.87
N GLU A 284 -20.84 -6.41 -9.54
CA GLU A 284 -20.66 -6.91 -8.17
C GLU A 284 -20.29 -5.77 -7.22
N ALA A 285 -19.53 -4.81 -7.73
CA ALA A 285 -19.14 -3.68 -6.92
C ALA A 285 -20.35 -2.81 -6.57
N VAL A 286 -21.22 -2.60 -7.57
CA VAL A 286 -22.42 -1.81 -7.38
C VAL A 286 -23.31 -2.45 -6.31
N LEU A 287 -23.51 -3.77 -6.42
CA LEU A 287 -24.30 -4.51 -5.43
C LEU A 287 -23.74 -4.32 -4.01
N ARG A 288 -22.42 -4.45 -3.86
CA ARG A 288 -21.77 -4.31 -2.57
C ARG A 288 -21.97 -2.94 -1.95
N THR A 289 -21.83 -1.87 -2.75
CA THR A 289 -21.88 -0.54 -2.18
C THR A 289 -23.32 -0.19 -1.76
N LEU A 290 -24.31 -0.65 -2.51
CA LEU A 290 -25.70 -0.49 -2.09
C LEU A 290 -26.03 -1.38 -0.87
N GLN A 291 -25.41 -2.55 -0.80
CA GLN A 291 -25.55 -3.39 0.38
C GLN A 291 -24.98 -2.68 1.62
N ALA A 292 -23.94 -1.88 1.42
CA ALA A 292 -23.31 -1.15 2.53
C ALA A 292 -24.15 0.02 3.05
N GLY A 293 -25.06 0.52 2.23
CA GLY A 293 -25.88 1.64 2.62
C GLY A 293 -25.61 2.93 1.86
N ALA A 294 -24.75 2.90 0.86
CA ALA A 294 -24.58 4.03 -0.04
C ALA A 294 -25.87 4.26 -0.81
N ASP A 295 -26.20 5.51 -1.11
CA ASP A 295 -27.39 5.83 -1.89
C ASP A 295 -27.11 5.94 -3.41
N ILE A 296 -25.90 6.32 -3.76
CA ILE A 296 -25.49 6.50 -5.15
C ILE A 296 -24.26 5.67 -5.45
N ALA A 297 -24.39 4.79 -6.44
CA ALA A 297 -23.27 4.02 -6.96
C ALA A 297 -22.72 4.71 -8.21
N LEU A 298 -21.47 5.11 -8.14
CA LEU A 298 -20.84 5.95 -9.14
C LEU A 298 -19.73 5.22 -9.91
N TRP A 299 -19.74 5.35 -11.23
CA TRP A 299 -18.61 4.92 -12.07
C TRP A 299 -18.62 5.66 -13.42
N VAL A 300 -17.60 5.45 -14.24
CA VAL A 300 -17.29 6.42 -15.29
C VAL A 300 -17.60 6.03 -16.73
N THR A 301 -18.35 4.95 -16.93
CA THR A 301 -18.73 4.52 -18.27
C THR A 301 -20.17 4.02 -18.27
N THR A 302 -20.81 4.02 -19.43
CA THR A 302 -22.21 3.63 -19.52
C THR A 302 -22.45 2.16 -19.88
N LYS A 303 -21.46 1.52 -20.50
CA LYS A 303 -21.71 0.21 -21.13
C LYS A 303 -22.16 -0.88 -20.15
N GLU A 304 -21.83 -0.73 -18.88
CA GLU A 304 -22.12 -1.76 -17.89
C GLU A 304 -23.55 -1.73 -17.36
N VAL A 305 -24.30 -0.68 -17.71
CA VAL A 305 -25.60 -0.43 -17.10
C VAL A 305 -26.64 -1.55 -17.27
N PRO A 306 -26.84 -2.08 -18.50
CA PRO A 306 -27.80 -3.19 -18.61
C PRO A 306 -27.45 -4.41 -17.76
N ALA A 307 -26.18 -4.78 -17.67
CA ALA A 307 -25.75 -5.91 -16.85
C ALA A 307 -25.96 -5.63 -15.36
N VAL A 308 -25.62 -4.42 -14.94
CA VAL A 308 -25.70 -4.01 -13.54
C VAL A 308 -27.13 -4.09 -13.04
N LEU A 309 -28.07 -3.58 -13.83
CA LEU A 309 -29.49 -3.60 -13.48
C LEU A 309 -30.05 -5.01 -13.47
N ASP A 310 -29.55 -5.87 -14.34
CA ASP A 310 -29.97 -7.25 -14.32
C ASP A 310 -29.53 -7.91 -13.00
N ARG A 311 -28.27 -7.72 -12.63
CA ARG A 311 -27.72 -8.29 -11.40
C ARG A 311 -28.43 -7.76 -10.15
N LEU A 312 -28.74 -6.47 -10.14
CA LEU A 312 -29.46 -5.89 -9.01
C LEU A 312 -30.90 -6.41 -8.90
N GLU A 313 -31.56 -6.65 -10.03
CA GLU A 313 -32.88 -7.25 -9.98
C GLU A 313 -32.79 -8.68 -9.44
N GLN A 314 -31.74 -9.40 -9.83
CA GLN A 314 -31.49 -10.73 -9.26
C GLN A 314 -31.37 -10.68 -7.75
N ALA A 315 -30.60 -9.71 -7.25
CA ALA A 315 -30.37 -9.57 -5.82
C ALA A 315 -31.67 -9.32 -5.08
N LEU A 316 -32.59 -8.62 -5.73
CA LEU A 316 -33.88 -8.32 -5.11
C LEU A 316 -34.71 -9.58 -4.96
N ARG A 317 -34.68 -10.45 -5.96
CA ARG A 317 -35.50 -11.65 -5.95
C ARG A 317 -34.90 -12.76 -5.08
N ALA A 318 -33.58 -12.74 -4.91
CA ALA A 318 -32.90 -13.74 -4.10
C ALA A 318 -32.71 -13.28 -2.67
N GLY A 319 -33.18 -12.08 -2.36
CA GLY A 319 -33.07 -11.55 -1.01
C GLY A 319 -31.68 -11.08 -0.61
N GLU A 320 -30.79 -10.87 -1.58
CA GLU A 320 -29.46 -10.35 -1.27
C GLU A 320 -29.53 -8.87 -0.92
N LEU A 321 -30.62 -8.23 -1.34
CA LEU A 321 -30.83 -6.82 -1.09
C LEU A 321 -32.32 -6.62 -0.85
N PRO A 322 -32.69 -6.07 0.32
CA PRO A 322 -34.10 -5.89 0.65
C PRO A 322 -34.68 -4.59 0.07
N MET A 323 -35.96 -4.59 -0.28
CA MET A 323 -36.57 -3.45 -0.94
C MET A 323 -36.59 -2.23 -0.01
N SER A 324 -36.73 -2.47 1.29
CA SER A 324 -36.67 -1.38 2.27
C SER A 324 -35.37 -0.57 2.12
N ALA A 325 -34.29 -1.24 1.76
CA ALA A 325 -33.01 -0.55 1.60
C ALA A 325 -32.98 0.30 0.31
N VAL A 326 -33.51 -0.24 -0.77
CA VAL A 326 -33.68 0.48 -2.03
C VAL A 326 -34.64 1.68 -1.87
N ASP A 327 -35.79 1.47 -1.24
CA ASP A 327 -36.75 2.54 -1.05
C ASP A 327 -36.18 3.70 -0.24
N ARG A 328 -35.42 3.38 0.82
CA ARG A 328 -34.84 4.40 1.68
C ARG A 328 -33.86 5.29 0.93
N SER A 329 -33.06 4.69 0.08
CA SER A 329 -32.13 5.43 -0.75
C SER A 329 -32.84 6.24 -1.84
N VAL A 330 -33.91 5.69 -2.42
CA VAL A 330 -34.67 6.45 -3.41
C VAL A 330 -35.26 7.72 -2.82
N VAL A 331 -35.66 7.67 -1.55
CA VAL A 331 -36.21 8.84 -0.87
C VAL A 331 -35.13 9.88 -0.64
N ARG A 332 -33.93 9.43 -0.30
CA ARG A 332 -32.81 10.33 -0.10
C ARG A 332 -32.43 11.04 -1.40
N VAL A 333 -32.50 10.33 -2.52
CA VAL A 333 -32.08 10.96 -3.75
C VAL A 333 -33.17 11.93 -4.24
N ALA A 334 -34.44 11.60 -4.02
CA ALA A 334 -35.50 12.56 -4.35
C ALA A 334 -35.32 13.87 -3.59
N THR A 335 -35.00 13.76 -2.31
CA THR A 335 -34.80 14.90 -1.44
C THR A 335 -33.62 15.74 -1.93
N MET A 336 -32.56 15.05 -2.32
CA MET A 336 -31.39 15.69 -2.90
C MET A 336 -31.74 16.45 -4.18
N LYS A 337 -32.52 15.82 -5.05
CA LYS A 337 -32.85 16.41 -6.36
C LYS A 337 -33.81 17.58 -6.24
N GLY A 338 -34.69 17.56 -5.25
CA GLY A 338 -35.64 18.63 -5.07
C GLY A 338 -36.84 18.54 -6.00
N PRO A 339 -37.79 19.46 -5.85
CA PRO A 339 -39.04 19.27 -6.58
C PRO A 339 -38.94 19.67 -8.04
N ASN A 340 -39.83 19.13 -8.86
CA ASN A 340 -39.96 19.55 -10.24
C ASN A 340 -40.44 20.99 -10.38
N PRO A 341 -39.91 21.70 -11.38
CA PRO A 341 -40.48 23.02 -11.63
C PRO A 341 -41.86 22.87 -12.25
N GLY A 342 -42.80 23.70 -11.83
CA GLY A 342 -44.16 23.56 -12.27
C GLY A 342 -45.04 23.01 -11.16
N CYS A 343 -44.43 22.36 -10.18
CA CYS A 343 -45.19 21.89 -9.04
C CYS A 343 -45.32 23.00 -8.01
N PRO B 1 6.44 0.10 22.95
CA PRO B 1 5.33 -0.84 22.93
C PRO B 1 4.45 -0.72 21.68
N VAL B 2 4.75 -1.48 20.61
CA VAL B 2 3.98 -1.40 19.37
C VAL B 2 2.95 -2.54 19.25
N PRO B 3 1.65 -2.20 19.24
CA PRO B 3 0.63 -3.26 19.23
C PRO B 3 0.57 -4.05 17.91
N ARG B 4 0.11 -5.29 17.97
CA ARG B 4 0.00 -6.13 16.78
C ARG B 4 -1.18 -5.70 15.90
N SER B 5 -1.12 -6.08 14.62
CA SER B 5 -2.12 -5.69 13.66
C SER B 5 -2.43 -6.76 12.62
N CYS B 6 -3.62 -6.65 12.02
CA CYS B 6 -4.07 -7.53 10.95
C CYS B 6 -4.05 -6.86 9.57
N ALA B 7 -3.59 -5.61 9.49
CA ALA B 7 -3.54 -4.90 8.22
C ALA B 7 -2.68 -5.62 7.19
N GLU B 8 -2.98 -5.43 5.90
CA GLU B 8 -2.21 -6.09 4.86
C GLU B 8 -0.82 -5.41 4.72
N PRO B 9 0.19 -6.14 4.20
CA PRO B 9 1.53 -5.61 4.06
C PRO B 9 1.58 -4.23 3.41
N ALA B 10 0.84 -4.01 2.33
CA ALA B 10 0.85 -2.72 1.66
C ALA B 10 0.39 -1.60 2.60
N GLY B 11 -0.42 -1.96 3.59
CA GLY B 11 -0.99 -0.99 4.48
C GLY B 11 -0.18 -0.68 5.73
N ILE B 12 0.75 -1.56 6.06
CA ILE B 12 1.48 -1.50 7.33
C ILE B 12 2.16 -0.15 7.65
N PRO B 13 2.70 0.55 6.65
CA PRO B 13 3.33 1.84 7.02
C PRO B 13 2.38 2.90 7.56
N ALA B 14 1.08 2.82 7.24
CA ALA B 14 0.09 3.73 7.80
C ALA B 14 0.01 3.64 9.32
N LEU B 15 0.55 2.56 9.88
CA LEU B 15 0.41 2.26 11.30
C LEU B 15 1.58 2.71 12.16
N LEU B 16 2.70 3.02 11.52
CA LEU B 16 3.95 3.23 12.23
C LEU B 16 4.44 4.69 12.18
N SER B 17 5.05 5.15 13.26
CA SER B 17 5.76 6.43 13.25
C SER B 17 6.98 6.30 12.34
N PRO B 18 7.57 7.42 11.92
CA PRO B 18 8.79 7.32 11.11
C PRO B 18 9.92 6.55 11.79
N ARG B 19 10.10 6.77 13.09
CA ARG B 19 11.20 6.15 13.81
C ARG B 19 11.00 4.65 13.91
N ASP B 20 9.76 4.21 14.08
CA ASP B 20 9.46 2.78 14.12
C ASP B 20 9.53 2.12 12.74
N LYS B 21 9.21 2.87 11.69
CA LYS B 21 9.37 2.35 10.32
C LYS B 21 10.83 2.06 10.01
N LEU B 22 11.70 3.00 10.35
CA LEU B 22 13.14 2.86 10.17
C LEU B 22 13.65 1.62 10.91
N ALA B 23 13.11 1.39 12.10
CA ALA B 23 13.60 0.33 12.97
C ALA B 23 13.29 -1.05 12.41
N GLN B 24 12.18 -1.16 11.70
CA GLN B 24 11.80 -2.39 11.02
C GLN B 24 12.83 -2.84 10.00
N LEU B 25 13.75 -1.95 9.63
CA LEU B 25 14.69 -2.25 8.57
C LEU B 25 16.06 -2.68 9.12
N LEU B 26 16.10 -2.95 10.41
CA LEU B 26 17.35 -3.26 11.10
C LEU B 26 17.32 -4.65 11.73
N VAL B 27 18.35 -5.45 11.47
CA VAL B 27 18.55 -6.72 12.16
C VAL B 27 19.94 -6.78 12.82
N VAL B 28 19.98 -7.07 14.12
CA VAL B 28 21.20 -6.95 14.91
C VAL B 28 21.54 -8.20 15.74
N GLY B 29 22.81 -8.56 15.77
CA GLY B 29 23.30 -9.64 16.60
C GLY B 29 23.15 -9.30 18.08
N VAL B 30 22.93 -10.31 18.90
CA VAL B 30 22.73 -10.14 20.34
C VAL B 30 23.66 -11.03 21.17
N ARG B 31 24.05 -10.55 22.35
CA ARG B 31 24.97 -11.31 23.23
C ARG B 31 24.25 -12.45 23.95
N ASP B 32 23.10 -12.15 24.54
CA ASP B 32 22.35 -13.12 25.31
C ASP B 32 20.88 -12.71 25.39
N ALA B 33 20.11 -13.40 26.22
CA ALA B 33 18.71 -13.07 26.46
C ALA B 33 18.49 -11.61 26.82
N ALA B 34 19.20 -11.11 27.83
CA ALA B 34 19.01 -9.73 28.30
C ALA B 34 19.21 -8.66 27.19
N ASP B 35 20.29 -8.81 26.42
CA ASP B 35 20.62 -7.90 25.31
C ASP B 35 19.49 -7.84 24.26
N ALA B 36 18.96 -8.99 23.86
CA ALA B 36 17.86 -9.09 22.91
C ALA B 36 16.56 -8.48 23.43
N GLN B 37 16.23 -8.78 24.68
CA GLN B 37 15.02 -8.26 25.28
C GLN B 37 15.08 -6.75 25.38
N ALA B 38 16.25 -6.22 25.69
CA ALA B 38 16.40 -4.78 25.83
C ALA B 38 16.31 -4.03 24.49
N VAL B 39 16.96 -4.53 23.45
CA VAL B 39 16.95 -3.81 22.17
C VAL B 39 15.57 -3.83 21.52
N VAL B 40 14.87 -4.95 21.65
CA VAL B 40 13.50 -5.09 21.16
C VAL B 40 12.54 -4.18 21.92
N THR B 41 12.55 -4.25 23.25
CA THR B 41 11.64 -3.44 24.07
C THR B 41 11.88 -1.95 23.89
N ASN B 42 13.14 -1.55 23.85
CA ASN B 42 13.48 -0.14 23.86
C ASN B 42 13.53 0.53 22.47
N TYR B 43 13.84 -0.23 21.41
CA TYR B 43 14.02 0.37 20.09
C TYR B 43 13.19 -0.26 18.97
N HIS B 44 12.55 -1.39 19.25
CA HIS B 44 11.58 -1.99 18.34
C HIS B 44 12.19 -2.43 17.00
N VAL B 45 13.35 -3.04 17.03
CA VAL B 45 14.03 -3.49 15.81
C VAL B 45 13.21 -4.56 15.11
N GLY B 46 13.28 -4.55 13.78
CA GLY B 46 12.63 -5.56 12.96
C GLY B 46 13.04 -7.00 13.22
N GLY B 47 14.32 -7.24 13.54
CA GLY B 47 14.78 -8.59 13.82
C GLY B 47 16.07 -8.71 14.62
N ILE B 48 16.39 -9.92 15.09
CA ILE B 48 17.69 -10.17 15.71
C ILE B 48 18.47 -11.25 14.98
N LEU B 49 19.77 -11.30 15.26
CA LEU B 49 20.67 -12.29 14.68
C LEU B 49 21.31 -13.15 15.77
N ILE B 50 21.22 -14.46 15.59
CA ILE B 50 21.93 -15.43 16.42
C ILE B 50 23.30 -15.66 15.78
N GLY B 51 24.32 -14.97 16.27
CA GLY B 51 25.64 -15.02 15.68
C GLY B 51 26.65 -15.83 16.50
N SER B 52 27.92 -15.71 16.13
CA SER B 52 28.97 -16.53 16.73
C SER B 52 29.16 -16.31 18.23
N ASP B 53 28.92 -15.09 18.70
CA ASP B 53 29.05 -14.78 20.13
C ASP B 53 27.73 -14.75 20.91
N THR B 54 26.65 -15.25 20.33
CA THR B 54 25.37 -15.28 21.02
C THR B 54 25.26 -16.49 21.97
N ASP B 55 24.85 -16.23 23.20
CA ASP B 55 24.62 -17.28 24.20
C ASP B 55 23.39 -18.10 23.80
N LEU B 56 23.58 -19.38 23.55
CA LEU B 56 22.50 -20.21 23.03
C LEU B 56 21.42 -20.55 24.06
N THR B 57 21.61 -20.16 25.32
CA THR B 57 20.56 -20.39 26.31
C THR B 57 19.39 -19.45 26.06
N ILE B 58 19.53 -18.52 25.12
CA ILE B 58 18.40 -17.66 24.76
C ILE B 58 17.23 -18.51 24.25
N PHE B 59 17.52 -19.70 23.75
CA PHE B 59 16.50 -20.59 23.22
C PHE B 59 15.70 -21.34 24.31
N ASP B 60 16.12 -21.23 25.57
CA ASP B 60 15.53 -22.02 26.67
C ASP B 60 14.29 -21.41 27.33
N GLY B 61 13.55 -20.58 26.60
CA GLY B 61 12.35 -19.97 27.14
C GLY B 61 12.30 -18.46 27.00
N ALA B 62 13.47 -17.84 26.96
CA ALA B 62 13.56 -16.39 26.82
C ALA B 62 13.00 -15.89 25.47
N LEU B 63 13.30 -16.60 24.40
CA LEU B 63 12.97 -16.11 23.05
C LEU B 63 11.46 -16.00 22.81
N ALA B 64 10.68 -16.97 23.26
CA ALA B 64 9.23 -16.94 23.06
C ALA B 64 8.58 -15.70 23.66
N GLU B 65 9.06 -15.28 24.82
CA GLU B 65 8.55 -14.06 25.43
C GLU B 65 9.02 -12.82 24.67
N ILE B 66 10.28 -12.83 24.24
CA ILE B 66 10.84 -11.68 23.53
C ILE B 66 10.09 -11.47 22.22
N VAL B 67 9.84 -12.57 21.53
CA VAL B 67 9.07 -12.56 20.29
C VAL B 67 7.64 -12.08 20.52
N ALA B 68 6.99 -12.62 21.53
CA ALA B 68 5.60 -12.29 21.83
C ALA B 68 5.38 -10.79 22.08
N GLY B 69 6.43 -10.08 22.46
CA GLY B 69 6.33 -8.68 22.80
C GLY B 69 6.54 -7.71 21.64
N GLY B 70 7.00 -8.22 20.49
CA GLY B 70 7.27 -7.38 19.34
C GLY B 70 6.04 -7.06 18.51
N GLY B 71 6.12 -5.99 17.70
CA GLY B 71 4.99 -5.60 16.88
C GLY B 71 5.40 -4.73 15.70
N PRO B 72 4.51 -4.52 14.72
CA PRO B 72 3.11 -4.96 14.68
C PRO B 72 2.97 -6.32 14.05
N LEU B 73 4.12 -6.89 13.69
CA LEU B 73 4.21 -8.21 13.09
C LEU B 73 5.28 -8.97 13.86
N PRO B 74 5.35 -10.30 13.68
CA PRO B 74 6.32 -11.10 14.42
C PRO B 74 7.74 -10.66 14.18
N LEU B 75 8.54 -10.74 15.23
CA LEU B 75 9.96 -10.42 15.19
C LEU B 75 10.69 -11.42 14.29
N ALA B 76 11.59 -10.94 13.43
CA ALA B 76 12.42 -11.86 12.67
C ALA B 76 13.55 -12.45 13.54
N VAL B 77 13.80 -13.74 13.43
CA VAL B 77 14.94 -14.38 14.09
C VAL B 77 15.81 -15.09 13.06
N SER B 78 17.01 -14.55 12.82
CA SER B 78 17.92 -15.03 11.78
C SER B 78 19.19 -15.69 12.30
N VAL B 79 19.81 -16.50 11.45
CA VAL B 79 21.02 -17.21 11.81
C VAL B 79 21.84 -17.58 10.56
N ASP B 80 23.16 -17.68 10.72
CA ASP B 80 24.05 -18.34 9.76
C ASP B 80 24.10 -19.84 9.93
N GLU B 81 23.25 -20.61 9.28
CA GLU B 81 23.35 -22.04 9.44
C GLU B 81 23.56 -22.68 8.08
N GLU B 82 24.84 -22.82 7.69
CA GLU B 82 25.18 -23.39 6.40
C GLU B 82 25.48 -24.88 6.51
N GLY B 83 25.89 -25.31 7.69
CA GLY B 83 26.45 -26.64 7.87
C GLY B 83 27.95 -26.57 7.67
N GLY B 84 28.65 -27.64 8.05
CA GLY B 84 30.10 -27.69 7.94
C GLY B 84 30.82 -26.69 8.83
N ARG B 85 31.60 -25.81 8.21
CA ARG B 85 32.41 -24.86 8.96
C ARG B 85 31.61 -23.67 9.48
N VAL B 86 30.42 -23.45 8.93
CA VAL B 86 29.57 -22.34 9.39
C VAL B 86 28.24 -22.90 9.94
N SER B 87 28.25 -23.23 11.23
CA SER B 87 27.13 -23.96 11.81
C SER B 87 26.92 -23.63 13.27
N ARG B 88 26.18 -22.56 13.53
CA ARG B 88 25.91 -22.09 14.89
C ARG B 88 25.13 -23.04 15.78
N LEU B 89 24.28 -23.89 15.20
CA LEU B 89 23.30 -24.65 15.98
C LEU B 89 23.61 -26.14 16.08
N ARG B 90 24.85 -26.48 15.79
CA ARG B 90 25.27 -27.87 15.80
C ARG B 90 24.94 -28.56 17.13
N SER B 91 24.89 -27.80 18.22
CA SER B 91 24.62 -28.37 19.53
C SER B 91 23.13 -28.39 19.91
N LEU B 92 22.26 -27.91 19.03
CA LEU B 92 20.83 -27.86 19.32
C LEU B 92 19.99 -28.62 18.32
N ILE B 93 20.57 -28.95 17.17
CA ILE B 93 19.89 -29.72 16.16
C ILE B 93 20.83 -30.77 15.64
N GLY B 94 20.30 -31.77 14.95
CA GLY B 94 21.12 -32.81 14.38
C GLY B 94 21.26 -32.64 12.88
N GLY B 95 22.35 -33.17 12.34
CA GLY B 95 22.55 -33.21 10.90
C GLY B 95 23.32 -32.05 10.31
N THR B 96 23.91 -31.21 11.15
CA THR B 96 24.72 -30.08 10.70
C THR B 96 26.13 -30.44 10.22
N GLY B 97 26.47 -31.73 10.23
CA GLY B 97 27.77 -32.19 9.84
C GLY B 97 28.34 -31.72 8.50
N PRO B 98 27.87 -32.32 7.39
CA PRO B 98 28.50 -32.16 6.09
C PRO B 98 28.41 -30.76 5.47
N SER B 99 29.49 -30.36 4.80
CA SER B 99 29.56 -29.06 4.13
C SER B 99 28.73 -29.03 2.85
N ALA B 100 28.54 -27.83 2.30
CA ALA B 100 27.83 -27.68 1.04
C ALA B 100 28.53 -28.50 -0.04
N ARG B 101 29.85 -28.42 -0.08
CA ARG B 101 30.65 -29.18 -1.04
C ARG B 101 30.50 -30.69 -0.89
N GLU B 102 30.52 -31.20 0.32
CA GLU B 102 30.47 -32.64 0.48
C GLU B 102 29.07 -33.16 0.11
N LEU B 103 28.03 -32.40 0.46
CA LEU B 103 26.67 -32.73 0.04
C LEU B 103 26.57 -32.96 -1.47
N ALA B 104 27.13 -32.03 -2.22
CA ALA B 104 27.06 -32.09 -3.68
C ALA B 104 27.78 -33.31 -4.26
N GLN B 105 28.80 -33.79 -3.55
CA GLN B 105 29.59 -34.95 -4.00
C GLN B 105 29.07 -36.32 -3.57
N THR B 106 28.26 -36.34 -2.52
CA THR B 106 27.91 -37.59 -1.86
C THR B 106 26.42 -37.89 -1.87
N ARG B 107 25.60 -36.88 -2.13
CA ARG B 107 24.16 -37.07 -2.11
C ARG B 107 23.49 -36.58 -3.39
N THR B 108 22.38 -37.20 -3.71
CA THR B 108 21.53 -36.79 -4.83
C THR B 108 20.88 -35.43 -4.56
N VAL B 109 20.23 -34.86 -5.55
CA VAL B 109 19.60 -33.57 -5.37
C VAL B 109 18.40 -33.71 -4.41
N GLN B 110 17.61 -34.76 -4.59
CA GLN B 110 16.49 -35.07 -3.68
C GLN B 110 16.94 -35.21 -2.23
N GLN B 111 18.08 -35.85 -2.01
CA GLN B 111 18.57 -36.06 -0.66
C GLN B 111 19.04 -34.77 0.00
N VAL B 112 19.48 -33.80 -0.81
CA VAL B 112 19.91 -32.55 -0.24
C VAL B 112 18.68 -31.74 0.17
N ARG B 113 17.61 -31.85 -0.59
CA ARG B 113 16.35 -31.21 -0.18
C ARG B 113 15.80 -31.82 1.12
N ASP B 114 15.85 -33.14 1.24
CA ASP B 114 15.44 -33.84 2.46
C ASP B 114 16.22 -33.32 3.68
N LEU B 115 17.53 -33.18 3.55
CA LEU B 115 18.35 -32.74 4.67
C LEU B 115 18.06 -31.30 5.05
N ALA B 116 17.92 -30.43 4.07
CA ALA B 116 17.58 -29.05 4.31
C ALA B 116 16.23 -28.93 5.01
N ARG B 117 15.27 -29.76 4.59
CA ARG B 117 13.95 -29.75 5.21
C ARG B 117 14.04 -30.16 6.69
N ASP B 118 14.80 -31.21 6.99
CA ASP B 118 14.93 -31.68 8.38
C ASP B 118 15.65 -30.65 9.27
N ARG B 119 16.77 -30.12 8.79
CA ARG B 119 17.47 -29.08 9.54
C ARG B 119 16.56 -27.88 9.74
N GLY B 120 15.84 -27.53 8.69
CA GLY B 120 14.90 -26.42 8.75
C GLY B 120 13.77 -26.63 9.75
N ARG B 121 13.19 -27.82 9.76
CA ARG B 121 12.08 -28.08 10.68
C ARG B 121 12.49 -27.94 12.14
N GLN B 122 13.67 -28.46 12.48
CA GLN B 122 14.24 -28.32 13.81
C GLN B 122 14.49 -26.86 14.20
N MET B 123 14.98 -26.08 13.25
CA MET B 123 15.23 -24.67 13.48
C MET B 123 13.95 -23.88 13.74
N ARG B 124 12.91 -24.18 12.96
CA ARG B 124 11.65 -23.49 13.10
C ARG B 124 11.08 -23.72 14.50
N LYS B 125 11.16 -24.96 14.97
CA LYS B 125 10.68 -25.31 16.31
C LYS B 125 11.40 -24.51 17.38
N LEU B 126 12.68 -24.20 17.16
CA LEU B 126 13.46 -23.40 18.08
C LEU B 126 13.06 -21.93 18.05
N GLY B 127 12.36 -21.51 17.00
CA GLY B 127 12.00 -20.12 16.84
C GLY B 127 12.73 -19.37 15.72
N ILE B 128 13.52 -20.07 14.90
CA ILE B 128 14.20 -19.44 13.75
C ILE B 128 13.22 -19.17 12.61
N THR B 129 13.31 -17.99 11.98
CA THR B 129 12.47 -17.67 10.81
C THR B 129 13.25 -17.44 9.50
N ILE B 130 14.53 -17.10 9.64
CA ILE B 130 15.43 -16.79 8.51
C ILE B 130 16.78 -17.49 8.67
N ASP B 131 17.19 -18.20 7.63
CA ASP B 131 18.52 -18.83 7.58
C ASP B 131 19.30 -18.21 6.43
N PHE B 132 20.47 -17.65 6.72
CA PHE B 132 21.33 -17.09 5.66
C PHE B 132 22.08 -18.20 4.94
N ALA B 133 21.31 -18.93 4.13
CA ALA B 133 21.76 -20.03 3.31
C ALA B 133 20.63 -20.28 2.30
N PRO B 134 20.97 -20.79 1.10
CA PRO B 134 22.27 -21.34 0.70
C PRO B 134 23.24 -20.33 0.08
N VAL B 135 24.53 -20.61 0.22
CA VAL B 135 25.57 -19.98 -0.61
C VAL B 135 25.39 -20.41 -2.06
N VAL B 136 25.36 -19.45 -2.99
CA VAL B 136 25.33 -19.84 -4.40
C VAL B 136 26.58 -19.36 -5.13
N ASP B 137 27.60 -18.97 -4.36
CA ASP B 137 28.92 -18.69 -4.89
C ASP B 137 29.51 -19.87 -5.66
N VAL B 138 30.23 -19.58 -6.74
CA VAL B 138 30.84 -20.60 -7.59
C VAL B 138 32.37 -20.61 -7.44
N THR B 139 32.96 -21.75 -7.11
CA THR B 139 34.41 -21.83 -6.97
C THR B 139 34.97 -23.25 -6.89
N ASP B 140 36.27 -23.38 -7.17
CA ASP B 140 36.97 -24.64 -6.96
C ASP B 140 38.20 -24.46 -6.07
N ALA B 141 38.25 -23.33 -5.36
CA ALA B 141 39.29 -23.07 -4.35
C ALA B 141 39.29 -24.16 -3.27
N PRO B 142 40.40 -24.27 -2.50
CA PRO B 142 40.52 -25.31 -1.47
C PRO B 142 39.46 -25.24 -0.37
N ASP B 143 39.15 -26.39 0.24
CA ASP B 143 38.14 -26.52 1.29
C ASP B 143 38.19 -25.41 2.34
N ASP B 144 39.40 -25.05 2.75
CA ASP B 144 39.60 -24.20 3.92
C ASP B 144 39.60 -22.71 3.64
N THR B 145 39.39 -22.33 2.39
CA THR B 145 39.46 -20.92 2.02
C THR B 145 38.20 -20.14 2.44
N VAL B 146 38.16 -18.85 2.13
CA VAL B 146 37.11 -17.96 2.60
C VAL B 146 35.71 -18.44 2.15
N ILE B 147 35.62 -18.97 0.95
CA ILE B 147 34.42 -19.67 0.51
C ILE B 147 34.67 -21.16 0.59
N GLY B 148 35.57 -21.68 -0.25
CA GLY B 148 35.96 -23.07 -0.20
C GLY B 148 34.82 -24.08 -0.22
N ASP B 149 34.77 -24.93 0.80
CA ASP B 149 33.79 -26.02 0.87
C ASP B 149 32.41 -25.51 1.26
N ARG B 150 32.29 -24.19 1.47
CA ARG B 150 31.00 -23.54 1.63
C ARG B 150 30.25 -23.42 0.30
N SER B 151 30.87 -23.88 -0.79
CA SER B 151 30.29 -23.80 -2.13
C SER B 151 29.83 -25.16 -2.62
N PHE B 152 28.69 -25.21 -3.32
CA PHE B 152 28.18 -26.47 -3.84
C PHE B 152 28.88 -26.92 -5.13
N GLY B 153 29.64 -26.05 -5.79
CA GLY B 153 30.35 -26.49 -6.99
C GLY B 153 31.13 -25.42 -7.73
N SER B 154 31.91 -25.86 -8.72
CA SER B 154 32.74 -24.96 -9.53
C SER B 154 32.12 -24.71 -10.89
N ASP B 155 30.87 -25.14 -11.02
CA ASP B 155 30.13 -25.18 -12.25
C ASP B 155 28.74 -24.64 -11.94
N PRO B 156 28.27 -23.61 -12.69
CA PRO B 156 27.00 -22.94 -12.42
C PRO B 156 25.79 -23.87 -12.43
N ALA B 157 25.78 -24.85 -13.32
CA ALA B 157 24.64 -25.75 -13.43
C ALA B 157 24.52 -26.61 -12.17
N THR B 158 25.65 -27.00 -11.62
CA THR B 158 25.69 -27.79 -10.40
C THR B 158 25.18 -27.01 -9.19
N VAL B 159 25.61 -25.76 -9.06
CA VAL B 159 25.18 -24.90 -7.98
C VAL B 159 23.68 -24.62 -8.05
N THR B 160 23.18 -24.37 -9.26
CA THR B 160 21.74 -24.19 -9.44
C THR B 160 20.94 -25.39 -8.92
N ALA B 161 21.32 -26.60 -9.33
CA ALA B 161 20.61 -27.79 -8.87
C ALA B 161 20.69 -27.99 -7.34
N TYR B 162 21.89 -27.88 -6.78
CA TYR B 162 22.09 -28.22 -5.36
C TYR B 162 21.70 -27.09 -4.40
N ALA B 163 22.10 -25.85 -4.69
CA ALA B 163 21.62 -24.74 -3.87
C ALA B 163 20.11 -24.56 -4.03
N GLY B 164 19.62 -24.80 -5.25
CA GLY B 164 18.18 -24.80 -5.48
C GLY B 164 17.42 -25.75 -4.58
N ALA B 165 17.87 -27.00 -4.52
CA ALA B 165 17.26 -27.97 -3.61
C ALA B 165 17.39 -27.58 -2.14
N TYR B 166 18.51 -26.96 -1.75
CA TYR B 166 18.70 -26.62 -0.35
C TYR B 166 17.69 -25.54 0.04
N ALA B 167 17.52 -24.58 -0.86
CA ALA B 167 16.57 -23.50 -0.64
C ALA B 167 15.14 -24.02 -0.58
N GLN B 168 14.81 -24.97 -1.45
CA GLN B 168 13.47 -25.55 -1.42
C GLN B 168 13.20 -26.31 -0.11
N GLY B 169 14.21 -27.01 0.42
CA GLY B 169 14.05 -27.75 1.66
C GLY B 169 13.70 -26.83 2.82
N LEU B 170 14.41 -25.70 2.90
CA LEU B 170 14.13 -24.70 3.91
C LEU B 170 12.70 -24.17 3.78
N ARG B 171 12.32 -23.88 2.54
CA ARG B 171 10.98 -23.47 2.16
C ARG B 171 9.94 -24.53 2.60
N ASP B 172 10.24 -25.81 2.40
CA ASP B 172 9.36 -26.90 2.86
C ASP B 172 9.09 -26.80 4.36
N ALA B 173 10.09 -26.36 5.11
CA ALA B 173 10.01 -26.33 6.55
C ALA B 173 9.52 -24.99 7.10
N GLY B 174 9.15 -24.05 6.23
CA GLY B 174 8.68 -22.77 6.69
C GLY B 174 9.73 -21.79 7.19
N VAL B 175 10.97 -21.92 6.70
CA VAL B 175 12.05 -20.97 6.95
C VAL B 175 12.45 -20.23 5.66
N LEU B 176 12.64 -18.91 5.74
CA LEU B 176 13.12 -18.12 4.61
C LEU B 176 14.56 -18.44 4.24
N PRO B 177 14.79 -18.98 3.03
CA PRO B 177 16.19 -19.09 2.56
C PRO B 177 16.70 -17.76 2.03
N VAL B 178 18.00 -17.50 2.14
CA VAL B 178 18.58 -16.26 1.62
C VAL B 178 19.84 -16.58 0.79
N LEU B 179 19.78 -16.30 -0.52
CA LEU B 179 20.90 -16.53 -1.43
C LEU B 179 22.03 -15.54 -1.19
N LYS B 180 23.28 -16.00 -1.26
CA LYS B 180 24.45 -15.14 -1.02
C LYS B 180 25.74 -15.65 -1.74
N HIS B 181 26.72 -14.79 -2.02
CA HIS B 181 26.70 -13.35 -1.86
C HIS B 181 26.64 -12.63 -3.22
N PHE B 182 25.53 -11.96 -3.52
CA PHE B 182 25.32 -11.32 -4.83
C PHE B 182 26.28 -10.14 -5.05
N PRO B 183 26.87 -10.01 -6.26
CA PRO B 183 26.69 -10.79 -7.48
C PRO B 183 27.69 -11.92 -7.69
N GLY B 184 28.44 -12.30 -6.67
CA GLY B 184 29.24 -13.52 -6.75
C GLY B 184 30.59 -13.39 -6.05
N HIS B 185 30.78 -14.19 -5.02
CA HIS B 185 31.97 -14.09 -4.16
C HIS B 185 33.01 -15.14 -4.47
N GLY B 186 32.65 -16.11 -5.31
CA GLY B 186 33.49 -17.27 -5.56
C GLY B 186 34.89 -17.00 -6.08
N ARG B 187 35.03 -16.01 -6.95
CA ARG B 187 36.33 -15.68 -7.52
CA ARG B 187 36.33 -15.68 -7.53
C ARG B 187 36.79 -14.29 -7.11
N GLY B 188 36.41 -13.86 -5.91
CA GLY B 188 36.82 -12.58 -5.37
C GLY B 188 38.29 -12.54 -4.95
N SER B 189 38.87 -11.35 -4.91
CA SER B 189 40.32 -11.17 -4.71
C SER B 189 40.86 -11.48 -3.31
N GLY B 190 39.98 -11.59 -2.32
CA GLY B 190 40.41 -11.92 -0.97
C GLY B 190 39.26 -12.18 -0.02
N ASP B 191 39.45 -11.83 1.25
CA ASP B 191 38.44 -12.04 2.28
C ASP B 191 37.76 -10.72 2.65
N SER B 192 36.44 -10.72 2.51
CA SER B 192 35.63 -9.54 2.82
C SER B 192 35.77 -9.09 4.27
N HIS B 193 36.11 -10.02 5.16
CA HIS B 193 36.10 -9.76 6.60
C HIS B 193 37.25 -8.86 7.05
N ASN B 194 38.39 -8.93 6.37
CA ASN B 194 39.54 -8.14 6.78
C ASN B 194 40.09 -7.21 5.68
N GLY B 195 39.32 -6.98 4.63
CA GLY B 195 39.74 -6.05 3.59
C GLY B 195 38.77 -5.98 2.43
N GLY B 196 39.01 -5.04 1.52
CA GLY B 196 38.17 -4.84 0.35
C GLY B 196 38.38 -5.92 -0.67
N VAL B 197 37.32 -6.32 -1.36
CA VAL B 197 37.36 -7.45 -2.28
C VAL B 197 36.83 -7.06 -3.67
N THR B 198 37.54 -7.43 -4.74
CA THR B 198 37.12 -7.17 -6.11
C THR B 198 36.77 -8.45 -6.85
N THR B 199 35.76 -8.40 -7.72
CA THR B 199 35.35 -9.55 -8.53
C THR B 199 35.92 -9.47 -9.94
N PRO B 200 35.83 -10.56 -10.71
CA PRO B 200 36.12 -10.43 -12.14
C PRO B 200 35.15 -9.44 -12.80
N PRO B 201 35.45 -9.00 -14.05
CA PRO B 201 34.59 -7.96 -14.63
C PRO B 201 33.12 -8.39 -14.74
N LEU B 202 32.23 -7.42 -14.83
CA LEU B 202 30.79 -7.71 -14.92
C LEU B 202 30.42 -8.68 -16.05
N ASP B 203 31.07 -8.56 -17.22
CA ASP B 203 30.74 -9.41 -18.36
C ASP B 203 31.01 -10.85 -18.00
N ASP B 204 32.12 -11.09 -17.32
CA ASP B 204 32.48 -12.41 -16.83
C ASP B 204 31.42 -12.98 -15.91
N LEU B 205 30.96 -12.17 -14.95
CA LEU B 205 29.95 -12.60 -13.98
C LEU B 205 28.64 -12.99 -14.65
N VAL B 206 28.19 -12.20 -15.62
CA VAL B 206 26.90 -12.45 -16.28
C VAL B 206 26.83 -13.83 -16.92
N GLY B 207 27.96 -14.36 -17.38
CA GLY B 207 27.95 -15.66 -18.02
C GLY B 207 28.37 -16.80 -17.12
N ASP B 208 28.59 -16.51 -15.83
CA ASP B 208 29.08 -17.53 -14.92
C ASP B 208 28.48 -17.39 -13.51
N ASP B 209 29.04 -16.49 -12.71
CA ASP B 209 28.65 -16.37 -11.31
C ASP B 209 27.17 -16.03 -11.12
N LEU B 210 26.60 -15.31 -12.08
CA LEU B 210 25.23 -14.82 -11.95
C LEU B 210 24.19 -15.81 -12.49
N VAL B 211 24.63 -16.82 -13.20
CA VAL B 211 23.72 -17.78 -13.82
C VAL B 211 22.71 -18.46 -12.85
N PRO B 212 23.16 -18.95 -11.67
CA PRO B 212 22.16 -19.58 -10.80
C PRO B 212 21.06 -18.63 -10.33
N TYR B 213 21.34 -17.36 -10.14
CA TYR B 213 20.31 -16.41 -9.70
C TYR B 213 19.15 -16.32 -10.69
N ARG B 214 19.44 -16.55 -11.98
CA ARG B 214 18.43 -16.37 -13.04
C ARG B 214 17.16 -17.15 -12.75
N THR B 215 17.31 -18.37 -12.26
CA THR B 215 16.17 -19.19 -11.93
C THR B 215 15.83 -19.18 -10.43
N LEU B 216 16.83 -19.07 -9.56
CA LEU B 216 16.55 -19.22 -8.12
C LEU B 216 15.81 -18.02 -7.51
N VAL B 217 15.93 -16.83 -8.09
CA VAL B 217 15.25 -15.65 -7.53
C VAL B 217 13.73 -15.69 -7.80
N THR B 218 13.29 -16.65 -8.61
CA THR B 218 11.89 -16.72 -9.01
C THR B 218 11.08 -17.68 -8.13
N GLN B 219 11.72 -18.31 -7.16
CA GLN B 219 11.03 -19.31 -6.34
C GLN B 219 10.73 -18.82 -4.91
N ALA B 220 9.61 -18.13 -4.76
CA ALA B 220 9.27 -17.41 -3.53
C ALA B 220 8.66 -18.35 -2.48
N PRO B 221 8.86 -18.03 -1.19
CA PRO B 221 9.67 -16.93 -0.66
C PRO B 221 11.17 -17.21 -0.70
N VAL B 222 11.93 -16.18 -1.10
CA VAL B 222 13.40 -16.22 -1.12
C VAL B 222 13.94 -14.80 -0.94
N GLY B 223 15.00 -14.67 -0.15
CA GLY B 223 15.70 -13.40 -0.01
C GLY B 223 17.05 -13.41 -0.71
N VAL B 224 17.69 -12.25 -0.87
CA VAL B 224 19.03 -12.19 -1.44
C VAL B 224 19.94 -11.29 -0.61
N MET B 225 21.13 -11.79 -0.29
CA MET B 225 22.14 -11.02 0.43
C MET B 225 23.22 -10.52 -0.53
N VAL B 226 23.52 -9.23 -0.44
CA VAL B 226 24.49 -8.60 -1.32
C VAL B 226 25.82 -8.43 -0.58
N GLY B 227 26.88 -8.95 -1.17
CA GLY B 227 28.20 -8.91 -0.54
C GLY B 227 28.93 -7.59 -0.66
N HIS B 228 30.00 -7.45 0.11
CA HIS B 228 30.84 -6.26 0.09
C HIS B 228 31.87 -6.40 -1.02
N LEU B 229 31.39 -6.35 -2.26
CA LEU B 229 32.16 -6.73 -3.43
C LEU B 229 32.30 -5.57 -4.45
N GLN B 230 33.53 -5.21 -4.81
CA GLN B 230 33.78 -4.22 -5.85
C GLN B 230 33.76 -4.89 -7.21
N VAL B 231 32.91 -4.42 -8.10
CA VAL B 231 32.64 -5.09 -9.36
C VAL B 231 32.98 -4.18 -10.57
N PRO B 232 34.05 -4.52 -11.29
CA PRO B 232 34.50 -3.71 -12.44
C PRO B 232 33.44 -3.63 -13.52
N GLY B 233 33.01 -2.42 -13.83
CA GLY B 233 31.96 -2.22 -14.81
C GLY B 233 30.56 -2.10 -14.23
N LEU B 234 30.45 -2.06 -12.91
CA LEU B 234 29.17 -1.99 -12.23
C LEU B 234 29.20 -1.07 -11.01
N THR B 235 30.19 -1.25 -10.12
CA THR B 235 30.26 -0.45 -8.90
C THR B 235 31.56 0.35 -8.71
N GLY B 236 32.52 0.19 -9.62
CA GLY B 236 33.79 0.90 -9.52
C GLY B 236 34.54 0.51 -8.27
N SER B 237 34.67 1.46 -7.34
CA SER B 237 35.39 1.19 -6.10
C SER B 237 34.48 1.16 -4.87
N GLU B 238 33.16 1.11 -5.08
CA GLU B 238 32.22 0.92 -3.98
C GLU B 238 31.82 -0.55 -3.83
N PRO B 239 31.66 -1.03 -2.58
CA PRO B 239 31.11 -2.37 -2.40
C PRO B 239 29.64 -2.44 -2.83
N ALA B 240 29.22 -3.59 -3.36
CA ALA B 240 27.90 -3.75 -3.94
C ALA B 240 26.78 -3.51 -2.93
N SER B 241 27.03 -3.89 -1.68
CA SER B 241 26.08 -3.68 -0.59
C SER B 241 25.76 -2.21 -0.38
N LEU B 242 26.62 -1.33 -0.87
CA LEU B 242 26.41 0.11 -0.73
C LEU B 242 26.19 0.78 -2.10
N SER B 243 25.96 -0.04 -3.13
CA SER B 243 25.86 0.43 -4.50
C SER B 243 24.46 0.28 -5.09
N LYS B 244 23.81 1.41 -5.34
CA LYS B 244 22.50 1.40 -5.98
C LYS B 244 22.53 0.76 -7.37
N ALA B 245 23.63 0.92 -8.10
CA ALA B 245 23.80 0.26 -9.39
C ALA B 245 23.70 -1.25 -9.23
N ALA B 246 24.38 -1.80 -8.22
CA ALA B 246 24.35 -3.24 -7.98
C ALA B 246 22.95 -3.73 -7.60
N VAL B 247 22.28 -3.03 -6.71
CA VAL B 247 20.93 -3.44 -6.32
C VAL B 247 19.91 -3.25 -7.48
N ASN B 248 20.03 -2.18 -8.27
CA ASN B 248 19.14 -2.01 -9.43
C ASN B 248 19.27 -3.13 -10.47
N LEU B 249 20.46 -3.69 -10.63
CA LEU B 249 20.66 -4.85 -11.48
C LEU B 249 19.86 -6.06 -10.98
N LEU B 250 19.86 -6.26 -9.66
CA LEU B 250 19.06 -7.29 -9.04
C LEU B 250 17.55 -7.01 -9.22
N ARG B 251 17.15 -5.77 -8.94
CA ARG B 251 15.75 -5.37 -9.10
C ARG B 251 15.22 -5.57 -10.54
N THR B 252 16.01 -5.22 -11.56
CA THR B 252 15.53 -5.28 -12.94
C THR B 252 15.72 -6.63 -13.63
N GLY B 253 16.83 -7.30 -13.33
CA GLY B 253 17.12 -8.62 -13.86
C GLY B 253 17.66 -8.69 -15.29
N THR B 254 17.09 -7.88 -16.17
CA THR B 254 17.37 -7.90 -17.61
C THR B 254 18.86 -7.97 -17.95
N GLY B 255 19.66 -7.09 -17.35
CA GLY B 255 21.09 -7.07 -17.57
C GLY B 255 21.89 -8.35 -17.35
N TYR B 256 21.35 -9.33 -16.63
CA TYR B 256 22.06 -10.59 -16.50
C TYR B 256 21.18 -11.76 -16.90
N GLY B 257 20.07 -11.46 -17.56
CA GLY B 257 19.20 -12.49 -18.12
C GLY B 257 18.17 -13.08 -17.16
N ALA B 258 17.81 -12.31 -16.14
CA ALA B 258 16.85 -12.75 -15.16
C ALA B 258 15.59 -11.89 -15.17
N PRO B 259 14.46 -12.47 -14.75
CA PRO B 259 13.27 -11.67 -14.44
C PRO B 259 13.56 -10.72 -13.29
N PRO B 260 12.70 -9.71 -13.09
CA PRO B 260 12.87 -8.78 -11.97
C PRO B 260 12.76 -9.48 -10.62
N PHE B 261 13.31 -8.87 -9.57
CA PHE B 261 13.23 -9.42 -8.21
C PHE B 261 12.72 -8.38 -7.24
N ASP B 262 11.58 -8.69 -6.60
CA ASP B 262 10.93 -7.74 -5.72
C ASP B 262 10.84 -8.27 -4.28
N GLY B 263 11.58 -9.33 -3.97
CA GLY B 263 11.64 -9.85 -2.61
C GLY B 263 12.59 -9.06 -1.72
N PRO B 264 12.86 -9.56 -0.49
CA PRO B 264 13.70 -8.83 0.47
C PRO B 264 15.19 -8.91 0.17
N VAL B 265 15.89 -7.79 0.30
CA VAL B 265 17.33 -7.71 0.04
C VAL B 265 18.06 -7.31 1.33
N PHE B 266 19.09 -8.07 1.70
CA PHE B 266 19.89 -7.88 2.93
C PHE B 266 21.31 -7.43 2.61
N SER B 267 21.85 -6.48 3.37
CA SER B 267 23.31 -6.27 3.37
C SER B 267 24.00 -7.45 4.02
N ASP B 268 25.26 -7.69 3.65
CA ASP B 268 26.14 -8.52 4.46
C ASP B 268 26.48 -7.73 5.75
N ASP B 269 27.14 -8.38 6.70
CA ASP B 269 27.44 -7.77 8.01
C ASP B 269 28.24 -6.46 7.88
N LEU B 270 27.65 -5.37 8.35
CA LEU B 270 28.21 -4.04 8.19
C LEU B 270 29.24 -3.62 9.26
N SER B 271 29.24 -4.30 10.40
CA SER B 271 30.05 -3.84 11.53
C SER B 271 31.29 -4.69 11.73
N GLY B 272 31.12 -6.00 11.73
CA GLY B 272 32.23 -6.91 11.99
C GLY B 272 33.12 -7.17 10.79
N MET B 273 32.90 -6.44 9.70
CA MET B 273 33.65 -6.72 8.48
C MET B 273 34.42 -5.51 7.97
N ALA B 274 35.72 -5.69 7.81
CA ALA B 274 36.65 -4.60 7.51
C ALA B 274 36.54 -4.07 6.09
N ALA B 275 35.91 -4.83 5.19
CA ALA B 275 35.63 -4.30 3.86
C ALA B 275 34.76 -3.05 4.02
N ILE B 276 33.93 -3.05 5.06
CA ILE B 276 33.10 -1.89 5.38
C ILE B 276 33.71 -1.01 6.47
N SER B 277 34.07 -1.61 7.61
CA SER B 277 34.46 -0.80 8.77
C SER B 277 35.78 -0.01 8.56
N ASP B 278 36.63 -0.44 7.64
CA ASP B 278 37.82 0.33 7.34
C ASP B 278 37.51 1.71 6.77
N ARG B 279 36.34 1.86 6.14
CA ARG B 279 36.03 3.14 5.49
C ARG B 279 34.77 3.82 6.05
N PHE B 280 33.90 3.07 6.72
CA PHE B 280 32.64 3.64 7.22
C PHE B 280 32.30 3.24 8.68
N GLY B 281 31.81 4.18 9.47
CA GLY B 281 31.26 3.87 10.77
C GLY B 281 29.90 3.24 10.58
N VAL B 282 29.31 2.67 11.63
CA VAL B 282 28.09 1.87 11.46
C VAL B 282 26.92 2.70 10.95
N SER B 283 26.65 3.86 11.54
CA SER B 283 25.48 4.60 11.14
C SER B 283 25.60 5.14 9.72
N GLU B 284 26.81 5.45 9.29
CA GLU B 284 27.03 5.83 7.90
C GLU B 284 26.78 4.65 6.97
N ALA B 285 27.26 3.47 7.37
CA ALA B 285 27.10 2.27 6.58
C ALA B 285 25.63 1.92 6.40
N VAL B 286 24.85 2.05 7.47
CA VAL B 286 23.43 1.68 7.40
C VAL B 286 22.71 2.62 6.45
N LEU B 287 23.00 3.92 6.53
CA LEU B 287 22.38 4.88 5.63
C LEU B 287 22.70 4.57 4.16
N ARG B 288 23.95 4.23 3.87
CA ARG B 288 24.37 3.95 2.49
C ARG B 288 23.65 2.70 1.94
N THR B 289 23.51 1.66 2.74
CA THR B 289 22.92 0.45 2.20
C THR B 289 21.42 0.68 1.92
N LEU B 290 20.76 1.52 2.71
CA LEU B 290 19.35 1.82 2.46
C LEU B 290 19.19 2.75 1.25
N GLN B 291 20.10 3.72 1.12
CA GLN B 291 20.12 4.57 -0.08
C GLN B 291 20.32 3.70 -1.33
N ALA B 292 21.04 2.60 -1.18
CA ALA B 292 21.30 1.70 -2.32
C ALA B 292 20.10 0.83 -2.73
N GLY B 293 19.11 0.70 -1.86
CA GLY B 293 17.95 -0.14 -2.17
C GLY B 293 17.78 -1.42 -1.35
N ALA B 294 18.70 -1.70 -0.42
CA ALA B 294 18.52 -2.87 0.45
C ALA B 294 17.34 -2.62 1.39
N ASP B 295 16.60 -3.67 1.70
CA ASP B 295 15.49 -3.59 2.66
C ASP B 295 15.91 -3.83 4.12
N ILE B 296 16.95 -4.63 4.33
CA ILE B 296 17.42 -4.95 5.68
C ILE B 296 18.91 -4.65 5.82
N ALA B 297 19.23 -3.80 6.79
CA ALA B 297 20.59 -3.51 7.20
C ALA B 297 21.02 -4.43 8.36
N LEU B 298 21.96 -5.32 8.09
CA LEU B 298 22.41 -6.34 9.04
C LEU B 298 23.76 -6.00 9.67
N TRP B 299 23.89 -6.16 11.00
CA TRP B 299 25.21 -6.15 11.66
C TRP B 299 25.13 -6.84 13.02
N VAL B 300 26.28 -7.04 13.67
CA VAL B 300 26.39 -8.04 14.72
C VAL B 300 26.35 -7.57 16.18
N THR B 301 26.07 -6.30 16.42
CA THR B 301 26.01 -5.78 17.80
C THR B 301 24.84 -4.83 17.97
N THR B 302 24.37 -4.65 19.21
CA THR B 302 23.20 -3.83 19.47
C THR B 302 23.53 -2.39 19.88
N LYS B 303 24.74 -2.15 20.36
CA LYS B 303 25.09 -0.86 20.94
C LYS B 303 24.91 0.33 19.98
N GLU B 304 25.04 0.11 18.67
CA GLU B 304 24.94 1.22 17.71
C GLU B 304 23.50 1.63 17.34
N VAL B 305 22.50 0.87 17.77
CA VAL B 305 21.11 1.12 17.36
C VAL B 305 20.58 2.55 17.65
N PRO B 306 20.78 3.10 18.86
CA PRO B 306 20.28 4.47 19.06
C PRO B 306 20.92 5.51 18.13
N ALA B 307 22.22 5.41 17.89
CA ALA B 307 22.88 6.35 16.97
C ALA B 307 22.42 6.20 15.51
N VAL B 308 22.23 4.95 15.09
CA VAL B 308 21.77 4.65 13.74
C VAL B 308 20.40 5.27 13.47
N LEU B 309 19.47 5.12 14.41
CA LEU B 309 18.14 5.69 14.31
C LEU B 309 18.12 7.21 14.31
N ASP B 310 18.97 7.83 15.13
CA ASP B 310 19.11 9.28 15.14
C ASP B 310 19.60 9.78 13.77
N ARG B 311 20.66 9.17 13.24
CA ARG B 311 21.21 9.55 11.94
C ARG B 311 20.20 9.38 10.79
N LEU B 312 19.40 8.33 10.83
CA LEU B 312 18.43 8.03 9.76
C LEU B 312 17.22 8.94 9.81
N GLU B 313 16.89 9.40 11.01
CA GLU B 313 15.84 10.39 11.18
C GLU B 313 16.32 11.72 10.62
N GLN B 314 17.60 12.00 10.79
CA GLN B 314 18.21 13.20 10.22
C GLN B 314 18.17 13.14 8.71
N ALA B 315 18.48 11.97 8.16
CA ALA B 315 18.47 11.76 6.74
C ALA B 315 17.10 12.05 6.14
N LEU B 316 16.04 11.64 6.83
CA LEU B 316 14.69 11.89 6.34
C LEU B 316 14.37 13.36 6.28
N ARG B 317 14.81 14.11 7.30
CA ARG B 317 14.52 15.54 7.37
C ARG B 317 15.37 16.36 6.41
N ALA B 318 16.54 15.84 6.06
CA ALA B 318 17.46 16.53 5.16
C ALA B 318 17.27 16.12 3.70
N GLY B 319 16.42 15.13 3.48
CA GLY B 319 16.15 14.64 2.14
C GLY B 319 17.23 13.73 1.57
N GLU B 320 18.05 13.17 2.44
CA GLU B 320 19.07 12.23 2.00
C GLU B 320 18.45 10.88 1.67
N LEU B 321 17.29 10.62 2.26
CA LEU B 321 16.57 9.36 2.09
C LEU B 321 15.07 9.66 2.05
N PRO B 322 14.43 9.48 0.89
CA PRO B 322 13.03 9.87 0.72
C PRO B 322 12.09 8.88 1.41
N MET B 323 10.96 9.33 1.93
CA MET B 323 10.07 8.46 2.70
C MET B 323 9.52 7.30 1.85
N SER B 324 9.33 7.54 0.56
CA SER B 324 8.87 6.51 -0.35
C SER B 324 9.79 5.29 -0.36
N ALA B 325 11.09 5.51 -0.19
CA ALA B 325 12.05 4.40 -0.18
C ALA B 325 11.94 3.58 1.11
N VAL B 326 11.68 4.25 2.21
CA VAL B 326 11.48 3.61 3.50
C VAL B 326 10.17 2.81 3.49
N ASP B 327 9.10 3.39 2.96
CA ASP B 327 7.81 2.73 2.96
C ASP B 327 7.82 1.44 2.13
N ARG B 328 8.48 1.47 0.97
CA ARG B 328 8.46 0.32 0.08
CA ARG B 328 8.47 0.31 0.08
C ARG B 328 9.22 -0.86 0.70
N SER B 329 10.26 -0.55 1.47
CA SER B 329 11.00 -1.59 2.16
C SER B 329 10.22 -2.17 3.33
N VAL B 330 9.48 -1.32 4.04
CA VAL B 330 8.62 -1.79 5.12
C VAL B 330 7.57 -2.77 4.61
N VAL B 331 7.02 -2.49 3.44
CA VAL B 331 6.06 -3.39 2.81
C VAL B 331 6.72 -4.72 2.43
N ARG B 332 7.93 -4.68 1.90
CA ARG B 332 8.64 -5.92 1.62
C ARG B 332 8.92 -6.71 2.90
N VAL B 333 9.22 -6.01 3.98
CA VAL B 333 9.56 -6.68 5.23
C VAL B 333 8.29 -7.31 5.83
N ALA B 334 7.16 -6.59 5.75
CA ALA B 334 5.90 -7.14 6.21
C ALA B 334 5.57 -8.42 5.44
N THR B 335 5.70 -8.38 4.12
CA THR B 335 5.39 -9.51 3.26
C THR B 335 6.20 -10.75 3.62
N MET B 336 7.50 -10.53 3.84
CA MET B 336 8.42 -11.55 4.32
C MET B 336 8.01 -12.19 5.66
N LYS B 337 7.56 -11.37 6.60
CA LYS B 337 7.20 -11.85 7.94
C LYS B 337 5.87 -12.61 8.01
N GLY B 338 5.00 -12.40 7.03
CA GLY B 338 3.70 -13.02 7.05
C GLY B 338 2.78 -12.40 8.09
N PRO B 339 1.53 -12.88 8.15
CA PRO B 339 0.52 -12.36 9.08
C PRO B 339 0.72 -12.81 10.53
N ASN B 340 0.18 -12.04 11.47
CA ASN B 340 0.06 -12.53 12.83
C ASN B 340 -0.92 -13.66 12.84
N PRO B 341 -0.60 -14.71 13.60
CA PRO B 341 -1.64 -15.70 13.94
C PRO B 341 -2.77 -14.97 14.73
N GLY B 342 -4.00 -15.28 14.40
CA GLY B 342 -5.13 -14.47 14.81
C GLY B 342 -5.75 -13.79 13.61
N CYS B 343 -4.91 -13.52 12.61
CA CYS B 343 -5.38 -12.93 11.37
C CYS B 343 -4.44 -13.25 10.21
#